data_3O11
#
_entry.id   3O11
#
_cell.length_a   136.040
_cell.length_b   45.020
_cell.length_c   158.200
_cell.angle_alpha   90.00
_cell.angle_beta   92.69
_cell.angle_gamma   90.00
#
_symmetry.space_group_name_H-M   'C 1 2 1'
#
loop_
_entity.id
_entity.type
_entity.pdbx_description
1 polymer 'C706 LIGHT CHAIN variable region, Ig kappa chain C region chimera'
2 polymer 'C706 HEAVY CHAIN variable region, Ig gamma-1 chain C region chimera'
3 water water
#
loop_
_entity_poly.entity_id
_entity_poly.type
_entity_poly.pdbx_seq_one_letter_code
_entity_poly.pdbx_strand_id
1 'polypeptide(L)'
;(PCA)IVLTQSPAIMSASPGEKVTMTCSASSSVSYMHWYQQKSGTSPKRWIYDSSRLASGVPSRFSGGGSGTSYSLTISN
MEAEDAATYFCQNWRSSPTFGAGTKLELKRTVAAPSVFIFPPSDEQLKSGTASVVCLLNNFYPREAKVQWKVDNALQSGN
SQESVTEQDSKDSTYSLSSTLTLSKADYEKHKVYACEVTHQGLSSPVTKSFNRGEC
;
L,A
2 'polypeptide(L)'
;(PCA)VQLQQSGPELMKPGASVKISCKATGYTFSTSWIEWIKQRPGHGLEWIGEVLPGSGKSNHNANFKGRATFTADTAS
NTAYMQLSSLTSEDSAVYYCAREGSNNNALAYWGQGTLVTVSAASTKGPSVFPLAPSSKSTSGGTAALGCLVKDYFPEPV
TVSWNSGALTSGVHTFPAVLQSSGLYSLSSVVTVPSSSLGTQTYICNVNHKPSNTKVDKKVEPKSCHHHHHH
;
H,B
#
# COMPACT_ATOMS: atom_id res chain seq x y z
N PCA A 1 -18.72 24.74 -18.51
CA PCA A 1 -17.57 23.80 -18.54
CB PCA A 1 -17.84 22.71 -19.57
CG PCA A 1 -19.20 22.97 -20.21
CD PCA A 1 -19.72 24.09 -19.37
OE PCA A 1 -20.90 24.42 -19.43
C PCA A 1 -16.28 24.50 -18.91
O PCA A 1 -16.30 25.44 -19.71
N ILE A 2 -15.16 24.04 -18.36
CA ILE A 2 -13.83 24.39 -18.90
C ILE A 2 -13.40 23.31 -19.88
N VAL A 3 -13.15 23.70 -21.13
CA VAL A 3 -12.85 22.74 -22.20
C VAL A 3 -11.37 22.84 -22.54
N LEU A 4 -10.65 21.72 -22.48
CA LEU A 4 -9.24 21.67 -22.89
C LEU A 4 -9.06 21.39 -24.39
N THR A 5 -8.32 22.27 -25.07
CA THR A 5 -8.05 22.14 -26.49
C THR A 5 -6.55 21.99 -26.78
N GLN A 6 -6.18 20.88 -27.43
CA GLN A 6 -4.78 20.56 -27.70
C GLN A 6 -4.41 20.85 -29.13
N SER A 7 -3.20 21.39 -29.29
CA SER A 7 -2.66 21.75 -30.60
C SER A 7 -1.15 21.51 -30.58
N PRO A 8 -0.61 20.96 -31.69
CA PRO A 8 -1.38 20.56 -32.87
C PRO A 8 -1.75 19.09 -32.83
N ALA A 9 -3.01 18.76 -33.17
CA ALA A 9 -3.49 17.38 -33.08
C ALA A 9 -2.53 16.30 -33.63
N ILE A 10 -1.75 16.64 -34.67
CA ILE A 10 -0.75 15.70 -35.25
C ILE A 10 0.49 16.46 -35.70
N MET A 11 1.65 16.02 -35.26
CA MET A 11 2.90 16.70 -35.58
C MET A 11 4.10 15.76 -35.58
N SER A 12 5.16 16.25 -36.23
CA SER A 12 6.28 15.44 -36.64
C SER A 12 7.53 16.24 -36.35
N ALA A 13 8.60 15.59 -35.90
CA ALA A 13 9.87 16.28 -35.67
C ALA A 13 11.06 15.40 -36.00
N SER A 14 12.12 15.98 -36.55
CA SER A 14 13.37 15.25 -36.79
C SER A 14 14.15 15.16 -35.50
N PRO A 15 15.18 14.29 -35.44
CA PRO A 15 16.01 14.23 -34.21
C PRO A 15 16.63 15.58 -33.88
N GLY A 16 17.01 15.78 -32.62
CA GLY A 16 17.61 17.05 -32.20
C GLY A 16 16.66 18.23 -32.18
N GLU A 17 15.50 18.09 -32.82
CA GLU A 17 14.55 19.21 -32.93
C GLU A 17 13.85 19.54 -31.62
N LYS A 18 13.72 20.83 -31.35
CA LYS A 18 12.96 21.32 -30.21
C LYS A 18 11.47 21.34 -30.58
N VAL A 19 10.65 20.68 -29.78
CA VAL A 19 9.21 20.59 -30.06
C VAL A 19 8.41 21.14 -28.89
N THR A 20 7.30 21.82 -29.17
CA THR A 20 6.51 22.43 -28.12
C THR A 20 5.00 22.30 -28.37
N MET A 21 4.37 21.33 -27.74
CA MET A 21 2.92 21.21 -27.89
C MET A 21 2.20 22.17 -26.95
N THR A 22 0.88 22.21 -26.99
CA THR A 22 0.13 23.21 -26.24
C THR A 22 -1.23 22.69 -25.89
N CYS A 23 -1.59 22.87 -24.63
CA CYS A 23 -2.93 22.57 -24.12
C CYS A 23 -3.57 23.86 -23.59
N SER A 24 -4.71 24.22 -24.17
CA SER A 24 -5.36 25.49 -23.86
C SER A 24 -6.74 25.27 -23.25
N ALA A 25 -6.98 25.91 -22.11
CA ALA A 25 -8.27 25.83 -21.43
C ALA A 25 -9.14 27.00 -21.88
N SER A 26 -10.44 26.75 -21.98
CA SER A 26 -11.39 27.81 -22.34
C SER A 26 -11.58 28.81 -21.19
N SER A 27 -10.99 28.49 -20.03
CA SER A 27 -11.00 29.37 -18.84
C SER A 27 -9.61 29.43 -18.14
N SER A 28 -9.60 29.68 -16.83
CA SER A 28 -8.36 29.60 -16.06
C SER A 28 -8.24 28.24 -15.35
N VAL A 29 -7.01 27.74 -15.22
CA VAL A 29 -6.69 26.49 -14.52
C VAL A 29 -5.29 26.59 -13.89
N SER A 30 -5.11 26.04 -12.69
CA SER A 30 -3.87 26.27 -11.93
C SER A 30 -2.73 25.25 -12.18
N TYR A 31 -3.06 24.14 -12.83
CA TYR A 31 -2.12 23.03 -13.05
C TYR A 31 -2.49 22.28 -14.32
N MET A 32 -1.52 21.58 -14.88
CA MET A 32 -1.79 20.72 -16.03
C MET A 32 -0.99 19.44 -15.96
N HIS A 33 -1.67 18.31 -16.08
CA HIS A 33 -1.00 17.00 -16.09
C HIS A 33 -0.88 16.52 -17.52
N TRP A 34 0.18 15.76 -17.78
CA TRP A 34 0.41 15.18 -19.08
C TRP A 34 0.74 13.71 -18.92
N TYR A 35 0.16 12.92 -19.82
CA TYR A 35 0.35 11.48 -19.89
C TYR A 35 0.75 11.10 -21.30
N GLN A 36 1.73 10.19 -21.41
CA GLN A 36 2.24 9.68 -22.68
C GLN A 36 1.63 8.32 -22.99
N GLN A 37 1.16 8.13 -24.21
CA GLN A 37 0.65 6.83 -24.65
C GLN A 37 1.21 6.40 -26.02
N LYS A 38 1.60 5.13 -26.10
CA LYS A 38 2.04 4.46 -27.33
C LYS A 38 0.96 3.40 -27.48
N SER A 39 0.58 3.15 -28.73
CA SER A 39 -0.54 2.28 -29.13
C SER A 39 -0.70 0.96 -28.34
N GLY A 40 -1.89 0.79 -27.76
CA GLY A 40 -2.31 -0.50 -27.18
C GLY A 40 -1.82 -0.79 -25.79
N THR A 41 -1.15 0.19 -25.17
CA THR A 41 -0.73 0.07 -23.78
C THR A 41 -1.22 1.23 -22.96
N SER A 42 -1.41 0.96 -21.67
CA SER A 42 -1.82 1.93 -20.66
C SER A 42 -1.06 3.24 -20.78
N PRO A 43 -1.78 4.37 -20.70
CA PRO A 43 -1.05 5.63 -20.72
C PRO A 43 -0.13 5.73 -19.51
N LYS A 44 1.16 6.02 -19.73
CA LYS A 44 2.08 6.30 -18.64
C LYS A 44 1.93 7.76 -18.25
N ARG A 45 1.82 8.02 -16.95
CA ARG A 45 1.85 9.40 -16.46
C ARG A 45 3.26 9.95 -16.60
N TRP A 46 3.33 11.16 -17.13
CA TRP A 46 4.55 11.69 -17.72
C TRP A 46 5.00 12.96 -17.06
N ILE A 47 4.13 13.96 -17.02
CA ILE A 47 4.42 15.23 -16.36
C ILE A 47 3.19 15.65 -15.59
N TYR A 48 3.39 15.95 -14.30
CA TYR A 48 2.32 16.30 -13.38
C TYR A 48 2.61 17.63 -12.66
N ASP A 49 1.56 18.28 -12.18
CA ASP A 49 1.64 19.64 -11.61
C ASP A 49 2.42 20.55 -12.54
N SER A 50 1.92 20.65 -13.77
CA SER A 50 2.43 21.54 -14.80
C SER A 50 3.88 21.29 -15.21
N SER A 51 4.79 21.28 -14.24
CA SER A 51 6.22 21.29 -14.55
C SER A 51 7.04 20.11 -13.99
N ARG A 52 6.44 19.34 -13.07
CA ARG A 52 7.19 18.30 -12.35
C ARG A 52 7.28 17.01 -13.16
N LEU A 53 8.51 16.62 -13.50
CA LEU A 53 8.79 15.42 -14.30
C LEU A 53 8.61 14.13 -13.49
N ALA A 54 7.63 13.31 -13.87
CA ALA A 54 7.43 11.99 -13.24
C ALA A 54 8.62 11.05 -13.39
N SER A 55 8.96 10.38 -12.31
CA SER A 55 10.03 9.37 -12.26
C SER A 55 10.27 8.63 -13.59
N GLY A 56 11.51 8.58 -14.03
CA GLY A 56 11.89 7.80 -15.22
C GLY A 56 11.87 8.56 -16.53
N VAL A 57 11.24 9.75 -16.52
CA VAL A 57 11.15 10.62 -17.70
C VAL A 57 12.51 11.30 -17.98
N PRO A 58 12.97 11.29 -19.26
CA PRO A 58 14.22 12.00 -19.60
C PRO A 58 14.11 13.49 -19.31
N SER A 59 15.22 14.12 -18.92
CA SER A 59 15.20 15.54 -18.53
C SER A 59 15.12 16.49 -19.73
N ARG A 60 15.33 15.95 -20.93
CA ARG A 60 15.11 16.73 -22.15
C ARG A 60 13.65 17.16 -22.24
N PHE A 61 12.80 16.49 -21.49
CA PHE A 61 11.42 16.90 -21.35
C PHE A 61 11.32 18.02 -20.34
N SER A 62 10.38 18.91 -20.60
CA SER A 62 10.00 19.98 -19.67
C SER A 62 8.58 20.45 -19.97
N GLY A 63 7.85 20.77 -18.90
CA GLY A 63 6.48 21.30 -19.00
C GLY A 63 6.39 22.59 -18.21
N GLY A 64 5.31 23.33 -18.43
CA GLY A 64 5.13 24.66 -17.85
C GLY A 64 3.86 25.31 -18.37
N GLY A 65 3.71 26.60 -18.08
CA GLY A 65 2.49 27.33 -18.45
C GLY A 65 1.86 27.98 -17.22
N SER A 66 0.66 28.53 -17.41
CA SER A 66 -0.07 29.24 -16.35
C SER A 66 -1.45 29.64 -16.85
N GLY A 67 -2.43 29.55 -15.97
CA GLY A 67 -3.77 30.10 -16.18
C GLY A 67 -4.58 29.56 -17.35
N THR A 68 -4.25 30.03 -18.55
CA THR A 68 -5.06 29.80 -19.74
C THR A 68 -4.32 28.99 -20.83
N SER A 69 -3.00 28.87 -20.67
CA SER A 69 -2.15 28.08 -21.57
C SER A 69 -0.97 27.40 -20.85
N TYR A 70 -0.93 26.07 -20.98
CA TYR A 70 0.16 25.24 -20.51
C TYR A 70 0.72 24.47 -21.70
N SER A 71 1.97 24.03 -21.61
CA SER A 71 2.65 23.40 -22.74
C SER A 71 3.56 22.21 -22.37
N LEU A 72 3.88 21.38 -23.36
CA LEU A 72 4.91 20.35 -23.21
C LEU A 72 6.04 20.55 -24.22
N THR A 73 7.29 20.29 -23.79
CA THR A 73 8.44 20.69 -24.57
C THR A 73 9.55 19.68 -24.50
N ILE A 74 10.11 19.33 -25.66
CA ILE A 74 11.28 18.45 -25.75
C ILE A 74 12.46 19.21 -26.38
N SER A 75 13.54 19.37 -25.63
CA SER A 75 14.69 20.18 -26.07
C SER A 75 15.33 19.57 -27.31
N ASN A 76 15.26 18.25 -27.43
CA ASN A 76 15.77 17.55 -28.60
C ASN A 76 15.11 16.20 -28.79
N MET A 77 14.09 16.20 -29.63
CA MET A 77 13.37 14.99 -30.02
C MET A 77 14.31 13.78 -30.15
N GLU A 78 13.79 12.63 -29.75
CA GLU A 78 14.50 11.35 -29.86
C GLU A 78 13.50 10.26 -30.24
N ALA A 79 13.98 9.21 -30.89
CA ALA A 79 13.13 8.11 -31.38
C ALA A 79 12.03 7.67 -30.41
N GLU A 80 12.43 7.35 -29.17
CA GLU A 80 11.54 6.85 -28.11
C GLU A 80 10.50 7.88 -27.58
N ASP A 81 10.56 9.12 -28.05
CA ASP A 81 9.61 10.17 -27.63
C ASP A 81 8.37 10.22 -28.52
N ALA A 82 8.44 9.56 -29.67
CA ALA A 82 7.31 9.51 -30.59
C ALA A 82 6.14 8.77 -29.96
N ALA A 83 5.12 9.52 -29.57
CA ALA A 83 3.94 8.97 -28.90
C ALA A 83 2.79 9.98 -28.88
N THR A 84 1.63 9.54 -28.41
CA THR A 84 0.50 10.45 -28.23
C THR A 84 0.52 10.95 -26.79
N TYR A 85 0.38 12.28 -26.60
CA TYR A 85 0.46 12.91 -25.26
C TYR A 85 -0.79 13.68 -24.93
N PHE A 86 -1.45 13.32 -23.84
CA PHE A 86 -2.71 13.96 -23.45
C PHE A 86 -2.52 14.92 -22.29
N CYS A 87 -3.07 16.12 -22.41
CA CYS A 87 -3.06 17.03 -21.28
C CYS A 87 -4.35 16.76 -20.53
N GLN A 88 -4.34 17.13 -19.24
CA GLN A 88 -5.40 16.75 -18.33
C GLN A 88 -5.41 17.64 -17.10
N ASN A 89 -6.62 18.07 -16.74
CA ASN A 89 -6.88 18.94 -15.61
C ASN A 89 -8.26 18.58 -15.08
N TRP A 90 -8.39 18.53 -13.76
CA TRP A 90 -9.58 17.96 -13.12
C TRP A 90 -10.77 18.92 -13.02
N ARG A 91 -10.50 20.22 -12.99
CA ARG A 91 -11.57 21.24 -13.04
C ARG A 91 -12.22 21.30 -14.44
N SER A 92 -11.57 20.67 -15.42
CA SER A 92 -11.99 20.72 -16.83
C SER A 92 -12.93 19.59 -17.22
N SER A 93 -13.85 19.85 -18.14
CA SER A 93 -14.74 18.80 -18.67
C SER A 93 -15.09 18.94 -20.17
N PRO A 94 -14.73 17.93 -20.99
CA PRO A 94 -14.08 16.67 -20.58
C PRO A 94 -12.71 16.88 -19.91
N THR A 95 -12.40 16.00 -18.97
CA THR A 95 -11.22 16.09 -18.10
C THR A 95 -9.87 16.07 -18.83
N PHE A 96 -9.81 15.29 -19.92
CA PHE A 96 -8.60 15.08 -20.73
C PHE A 96 -8.61 15.93 -22.01
N GLY A 97 -7.43 16.19 -22.56
CA GLY A 97 -7.30 16.73 -23.91
C GLY A 97 -7.56 15.65 -24.96
N ALA A 98 -7.69 16.06 -26.22
CA ALA A 98 -7.81 15.11 -27.32
C ALA A 98 -6.43 14.60 -27.79
N GLY A 99 -5.38 15.13 -27.19
CA GLY A 99 -4.04 14.59 -27.41
C GLY A 99 -3.34 15.13 -28.63
N THR A 100 -2.04 14.89 -28.69
CA THR A 100 -1.21 15.32 -29.79
C THR A 100 -0.34 14.13 -30.15
N LYS A 101 -0.47 13.68 -31.39
CA LYS A 101 0.27 12.52 -31.87
C LYS A 101 1.62 13.02 -32.36
N LEU A 102 2.64 12.86 -31.54
CA LEU A 102 3.99 13.29 -31.91
C LEU A 102 4.71 12.16 -32.63
N GLU A 103 5.10 12.43 -33.88
CA GLU A 103 5.79 11.46 -34.74
C GLU A 103 7.24 11.85 -34.98
N LEU A 104 8.12 10.88 -35.23
CA LEU A 104 9.51 11.21 -35.52
C LEU A 104 9.82 11.09 -37.01
N LYS A 105 10.24 12.20 -37.59
CA LYS A 105 10.64 12.23 -38.99
C LYS A 105 12.13 11.93 -39.11
N ARG A 106 12.48 11.22 -40.19
CA ARG A 106 13.84 10.72 -40.36
C ARG A 106 14.10 10.40 -41.81
N THR A 107 15.36 10.06 -42.10
CA THR A 107 15.80 9.70 -43.45
C THR A 107 14.91 8.58 -44.03
N VAL A 108 14.66 8.65 -45.34
CA VAL A 108 13.74 7.73 -46.03
C VAL A 108 14.26 6.29 -46.03
N ALA A 109 13.37 5.32 -45.79
CA ALA A 109 13.70 3.90 -45.91
C ALA A 109 12.77 3.19 -46.89
N ALA A 110 13.36 2.58 -47.91
CA ALA A 110 12.60 1.78 -48.86
C ALA A 110 12.10 0.49 -48.21
N PRO A 111 10.83 0.13 -48.46
CA PRO A 111 10.27 -1.13 -47.98
C PRO A 111 10.83 -2.39 -48.66
N SER A 112 11.14 -3.41 -47.85
CA SER A 112 11.36 -4.74 -48.38
C SER A 112 9.99 -5.35 -48.61
N VAL A 113 9.80 -5.97 -49.78
CA VAL A 113 8.52 -6.61 -50.07
C VAL A 113 8.63 -8.15 -50.06
N PHE A 114 7.71 -8.81 -49.35
CA PHE A 114 7.60 -10.27 -49.34
C PHE A 114 6.16 -10.66 -49.67
N ILE A 115 5.98 -11.71 -50.47
CA ILE A 115 4.63 -12.25 -50.69
C ILE A 115 4.51 -13.66 -50.08
N PHE A 116 3.30 -14.00 -49.60
CA PHE A 116 3.03 -15.33 -49.05
C PHE A 116 1.80 -15.89 -49.74
N PRO A 117 1.92 -17.11 -50.30
CA PRO A 117 0.81 -17.79 -50.95
C PRO A 117 -0.02 -18.45 -49.88
N PRO A 118 -1.30 -18.78 -50.16
CA PRO A 118 -2.09 -19.40 -49.12
C PRO A 118 -1.42 -20.68 -48.63
N SER A 119 -1.55 -20.96 -47.33
CA SER A 119 -0.99 -22.18 -46.76
C SER A 119 -1.90 -23.36 -47.10
N ASP A 120 -1.30 -24.55 -47.20
CA ASP A 120 -2.00 -25.78 -47.52
C ASP A 120 -3.23 -25.97 -46.63
N GLU A 121 -3.01 -25.93 -45.31
CA GLU A 121 -4.07 -26.19 -44.33
C GLU A 121 -5.26 -25.25 -44.49
N GLN A 122 -5.00 -24.00 -44.88
CA GLN A 122 -6.07 -23.02 -45.05
C GLN A 122 -7.00 -23.34 -46.23
N LEU A 123 -6.38 -23.63 -47.37
CA LEU A 123 -7.08 -24.05 -48.58
C LEU A 123 -8.12 -25.15 -48.31
N LYS A 124 -7.71 -26.20 -47.61
CA LYS A 124 -8.61 -27.31 -47.29
C LYS A 124 -9.69 -26.97 -46.25
N SER A 125 -10.13 -25.72 -46.25
CA SER A 125 -11.18 -25.29 -45.33
C SER A 125 -12.23 -24.40 -46.00
N GLY A 126 -11.88 -23.81 -47.14
CA GLY A 126 -12.81 -22.98 -47.88
C GLY A 126 -12.19 -21.83 -48.65
N THR A 127 -11.50 -20.94 -47.94
CA THR A 127 -11.03 -19.66 -48.53
C THR A 127 -9.51 -19.60 -48.77
N ALA A 128 -9.04 -18.47 -49.30
CA ALA A 128 -7.61 -18.26 -49.57
C ALA A 128 -7.14 -16.89 -49.06
N SER A 129 -5.86 -16.81 -48.70
CA SER A 129 -5.28 -15.57 -48.20
C SER A 129 -3.84 -15.41 -48.69
N VAL A 130 -3.66 -14.42 -49.56
CA VAL A 130 -2.35 -14.11 -50.08
C VAL A 130 -1.94 -12.83 -49.39
N VAL A 131 -0.85 -12.91 -48.65
CA VAL A 131 -0.42 -11.81 -47.81
C VAL A 131 0.81 -11.16 -48.43
N CYS A 132 0.84 -9.83 -48.38
CA CYS A 132 1.97 -9.06 -48.90
C CYS A 132 2.51 -8.17 -47.78
N LEU A 133 3.82 -8.24 -47.59
CA LEU A 133 4.49 -7.50 -46.54
C LEU A 133 5.33 -6.40 -47.16
N LEU A 134 5.02 -5.16 -46.79
CA LEU A 134 5.91 -4.05 -47.07
C LEU A 134 6.51 -3.83 -45.71
N ASN A 135 7.82 -4.00 -45.60
CA ASN A 135 8.43 -3.98 -44.28
C ASN A 135 9.45 -2.90 -44.09
N ASN A 136 9.41 -2.28 -42.92
CA ASN A 136 10.44 -1.35 -42.45
C ASN A 136 10.70 -0.14 -43.36
N PHE A 137 9.67 0.69 -43.52
CA PHE A 137 9.72 1.85 -44.45
C PHE A 137 9.35 3.20 -43.86
N TYR A 138 9.89 4.26 -44.47
CA TYR A 138 9.56 5.66 -44.14
C TYR A 138 9.30 6.54 -45.39
N PRO A 139 8.18 7.30 -45.41
CA PRO A 139 7.13 7.41 -44.41
C PRO A 139 5.95 6.46 -44.66
N ARG A 140 4.87 6.68 -43.91
CA ARG A 140 3.72 5.76 -43.80
C ARG A 140 3.10 5.35 -45.13
N GLU A 141 2.93 6.34 -46.01
CA GLU A 141 2.18 6.19 -47.24
C GLU A 141 2.91 5.30 -48.24
N ALA A 142 2.17 4.34 -48.77
CA ALA A 142 2.68 3.46 -49.81
C ALA A 142 1.49 2.96 -50.61
N LYS A 143 1.68 2.76 -51.91
CA LYS A 143 0.63 2.17 -52.72
C LYS A 143 0.90 0.67 -52.87
N VAL A 144 -0.16 -0.13 -52.77
CA VAL A 144 -0.07 -1.57 -53.00
C VAL A 144 -1.14 -1.99 -54.02
N GLN A 145 -0.72 -2.66 -55.09
CA GLN A 145 -1.70 -3.26 -56.01
C GLN A 145 -1.53 -4.77 -56.25
N TRP A 146 -2.67 -5.47 -56.17
CA TRP A 146 -2.75 -6.92 -56.37
C TRP A 146 -3.07 -7.31 -57.83
N LYS A 147 -2.19 -8.11 -58.43
CA LYS A 147 -2.31 -8.51 -59.84
C LYS A 147 -2.45 -10.03 -60.04
N VAL A 148 -3.69 -10.48 -60.10
CA VAL A 148 -4.02 -11.87 -60.31
C VAL A 148 -3.99 -12.17 -61.82
N ASP A 149 -2.89 -12.75 -62.29
CA ASP A 149 -2.67 -12.99 -63.73
C ASP A 149 -2.58 -11.66 -64.50
N ASN A 150 -3.48 -11.49 -65.46
CA ASN A 150 -3.70 -10.21 -66.13
C ASN A 150 -4.19 -9.17 -65.11
N ALA A 151 -5.35 -9.48 -64.53
CA ALA A 151 -6.20 -8.55 -63.79
C ALA A 151 -5.57 -7.77 -62.63
N LEU A 152 -6.26 -6.69 -62.26
CA LEU A 152 -6.01 -5.95 -61.03
C LEU A 152 -7.24 -6.09 -60.15
N GLN A 153 -7.03 -6.08 -58.84
CA GLN A 153 -8.08 -6.46 -57.89
C GLN A 153 -8.65 -5.29 -57.09
N SER A 154 -9.97 -5.28 -56.96
CA SER A 154 -10.68 -4.16 -56.35
C SER A 154 -11.81 -4.65 -55.43
N GLY A 155 -11.81 -4.16 -54.19
CA GLY A 155 -12.84 -4.52 -53.19
C GLY A 155 -12.71 -5.91 -52.61
N ASN A 156 -11.50 -6.46 -52.63
CA ASN A 156 -11.25 -7.82 -52.12
C ASN A 156 -9.93 -7.96 -51.33
N SER A 157 -9.38 -6.83 -50.88
CA SER A 157 -8.19 -6.83 -50.05
C SER A 157 -8.36 -5.84 -48.90
N GLN A 158 -7.51 -5.99 -47.88
CA GLN A 158 -7.51 -5.09 -46.70
C GLN A 158 -6.09 -4.85 -46.16
N GLU A 159 -5.87 -3.62 -45.68
CA GLU A 159 -4.56 -3.19 -45.16
C GLU A 159 -4.55 -2.91 -43.66
N SER A 160 -3.35 -2.93 -43.07
CA SER A 160 -3.11 -2.67 -41.65
C SER A 160 -1.66 -2.22 -41.46
N VAL A 161 -1.42 -1.24 -40.60
CA VAL A 161 -0.08 -0.67 -40.45
C VAL A 161 0.31 -0.56 -38.98
N THR A 162 1.58 -0.84 -38.67
CA THR A 162 2.09 -0.75 -37.31
C THR A 162 2.28 0.72 -36.96
N GLU A 163 2.53 0.97 -35.68
CA GLU A 163 2.93 2.30 -35.25
C GLU A 163 4.40 2.45 -35.50
N GLN A 164 4.90 3.66 -35.26
CA GLN A 164 6.28 3.96 -35.51
C GLN A 164 7.19 3.10 -34.62
N ASP A 165 8.08 2.30 -35.22
CA ASP A 165 9.01 1.50 -34.41
C ASP A 165 9.85 2.40 -33.48
N SER A 166 10.21 1.90 -32.31
CA SER A 166 10.95 2.69 -31.30
C SER A 166 12.44 2.76 -31.64
N LYS A 167 12.96 1.66 -32.17
CA LYS A 167 14.34 1.56 -32.58
C LYS A 167 14.63 2.48 -33.80
N ASP A 168 14.33 2.00 -35.00
CA ASP A 168 14.66 2.72 -36.24
C ASP A 168 13.68 3.83 -36.63
N SER A 169 12.42 3.67 -36.20
CA SER A 169 11.30 4.63 -36.43
C SER A 169 10.51 4.36 -37.72
N THR A 170 10.67 3.16 -38.26
CA THR A 170 10.03 2.75 -39.52
C THR A 170 8.65 2.16 -39.32
N TYR A 171 7.83 2.20 -40.37
CA TYR A 171 6.52 1.53 -40.36
C TYR A 171 6.63 0.11 -40.97
N SER A 172 5.49 -0.56 -41.14
CA SER A 172 5.41 -1.87 -41.79
C SER A 172 3.96 -2.14 -42.16
N LEU A 173 3.71 -2.56 -43.40
CA LEU A 173 2.34 -2.72 -43.88
C LEU A 173 2.04 -4.16 -44.31
N SER A 174 0.79 -4.58 -44.16
CA SER A 174 0.37 -5.90 -44.62
C SER A 174 -0.97 -5.86 -45.34
N SER A 175 -1.00 -6.45 -46.54
CA SER A 175 -2.21 -6.55 -47.35
C SER A 175 -2.66 -8.00 -47.44
N THR A 176 -3.92 -8.23 -47.14
CA THR A 176 -4.51 -9.55 -47.31
C THR A 176 -5.56 -9.53 -48.44
N LEU A 177 -5.27 -10.28 -49.50
CA LEU A 177 -6.23 -10.56 -50.56
C LEU A 177 -6.99 -11.83 -50.18
N THR A 178 -8.31 -11.71 -50.10
CA THR A 178 -9.19 -12.84 -49.77
C THR A 178 -10.06 -13.24 -50.99
N LEU A 179 -9.85 -14.48 -51.44
CA LEU A 179 -10.56 -15.04 -52.60
C LEU A 179 -10.69 -16.56 -52.43
N SER A 180 -11.91 -17.07 -52.60
CA SER A 180 -12.23 -18.48 -52.31
C SER A 180 -11.35 -19.52 -53.03
N LYS A 181 -11.38 -20.75 -52.53
CA LYS A 181 -10.66 -21.88 -53.16
C LYS A 181 -10.95 -21.91 -54.68
N ALA A 182 -12.24 -21.81 -55.01
CA ALA A 182 -12.69 -21.76 -56.40
C ALA A 182 -11.85 -20.78 -57.21
N ASP A 183 -12.03 -19.49 -56.93
CA ASP A 183 -11.36 -18.41 -57.66
C ASP A 183 -9.84 -18.39 -57.46
N TYR A 184 -9.36 -19.06 -56.41
CA TYR A 184 -7.92 -19.18 -56.22
C TYR A 184 -7.37 -20.14 -57.25
N GLU A 185 -8.04 -21.29 -57.37
CA GLU A 185 -7.63 -22.33 -58.30
C GLU A 185 -8.15 -22.10 -59.72
N LYS A 186 -8.93 -21.04 -59.89
CA LYS A 186 -9.37 -20.59 -61.22
C LYS A 186 -8.33 -19.65 -61.86
N HIS A 187 -7.16 -19.52 -61.23
CA HIS A 187 -6.11 -18.60 -61.71
C HIS A 187 -4.67 -19.09 -61.45
N LYS A 188 -3.70 -18.44 -62.10
CA LYS A 188 -2.32 -18.93 -62.20
C LYS A 188 -1.26 -18.05 -61.51
N VAL A 189 -1.15 -16.79 -61.93
CA VAL A 189 -0.12 -15.85 -61.46
C VAL A 189 -0.64 -14.92 -60.35
N TYR A 190 0.10 -14.83 -59.23
CA TYR A 190 -0.24 -13.91 -58.15
C TYR A 190 0.88 -12.94 -57.83
N ALA A 191 0.61 -11.65 -58.10
CA ALA A 191 1.59 -10.57 -57.99
C ALA A 191 1.21 -9.50 -56.96
N CYS A 192 2.23 -8.86 -56.38
CA CYS A 192 2.03 -7.74 -55.45
C CYS A 192 2.96 -6.61 -55.82
N GLU A 193 2.41 -5.48 -56.27
CA GLU A 193 3.21 -4.32 -56.73
C GLU A 193 3.19 -3.15 -55.74
N VAL A 194 4.37 -2.60 -55.46
CA VAL A 194 4.56 -1.62 -54.38
C VAL A 194 5.19 -0.29 -54.86
N THR A 195 4.52 0.82 -54.56
CA THR A 195 5.03 2.19 -54.82
C THR A 195 5.49 2.88 -53.51
N HIS A 196 6.58 3.65 -53.60
CA HIS A 196 7.07 4.44 -52.46
C HIS A 196 8.09 5.54 -52.82
N GLN A 197 8.15 6.62 -52.02
CA GLN A 197 9.05 7.78 -52.26
C GLN A 197 10.49 7.34 -52.31
N GLY A 198 10.80 6.31 -51.53
CA GLY A 198 12.13 5.76 -51.49
C GLY A 198 12.35 4.84 -52.66
N LEU A 199 11.25 4.32 -53.23
CA LEU A 199 11.32 3.41 -54.37
C LEU A 199 11.40 4.13 -55.71
N SER A 200 12.62 4.18 -56.25
CA SER A 200 12.89 4.79 -57.55
C SER A 200 12.16 4.06 -58.67
N SER A 201 11.98 2.75 -58.48
CA SER A 201 11.27 1.94 -59.45
C SER A 201 10.37 1.00 -58.66
N PRO A 202 9.11 0.78 -59.13
CA PRO A 202 8.24 -0.13 -58.40
C PRO A 202 8.90 -1.48 -58.10
N VAL A 203 8.38 -2.17 -57.09
CA VAL A 203 8.81 -3.52 -56.77
C VAL A 203 7.61 -4.48 -56.95
N THR A 204 7.84 -5.58 -57.65
CA THR A 204 6.83 -6.62 -57.81
C THR A 204 7.30 -7.95 -57.23
N LYS A 205 6.37 -8.70 -56.62
CA LYS A 205 6.63 -10.03 -56.04
C LYS A 205 5.49 -10.95 -56.41
N SER A 206 5.82 -12.19 -56.79
CA SER A 206 4.81 -13.10 -57.34
C SER A 206 5.11 -14.59 -57.19
N PHE A 207 4.12 -15.41 -57.56
CA PHE A 207 4.24 -16.86 -57.51
C PHE A 207 3.10 -17.44 -58.36
N ASN A 208 3.33 -18.63 -58.91
CA ASN A 208 2.25 -19.35 -59.58
C ASN A 208 1.69 -20.45 -58.69
N ARG A 209 0.36 -20.55 -58.67
CA ARG A 209 -0.35 -21.48 -57.82
C ARG A 209 0.39 -22.80 -57.48
N GLY A 210 0.63 -23.64 -58.48
CA GLY A 210 1.40 -24.87 -58.29
C GLY A 210 2.78 -24.71 -58.91
N GLU A 211 3.72 -24.17 -58.13
CA GLU A 211 5.08 -23.92 -58.61
C GLU A 211 6.07 -23.71 -57.45
N CYS A 212 7.37 -23.79 -57.75
CA CYS A 212 8.45 -23.58 -56.76
C CYS A 212 9.67 -22.90 -57.38
N PCA B 1 6.57 -2.76 -5.18
CA PCA B 1 6.07 -1.75 -6.11
CB PCA B 1 6.62 -2.05 -7.50
CG PCA B 1 7.01 -3.52 -7.51
CD PCA B 1 6.97 -3.87 -6.05
OE PCA B 1 7.24 -5.01 -5.65
C PCA B 1 4.55 -1.77 -6.18
O PCA B 1 3.94 -2.79 -5.85
N VAL B 2 3.97 -0.65 -6.61
CA VAL B 2 2.51 -0.56 -6.82
C VAL B 2 2.06 -1.20 -8.15
N GLN B 3 1.01 -2.02 -8.06
CA GLN B 3 0.46 -2.74 -9.21
C GLN B 3 -1.05 -2.83 -9.16
N LEU B 4 -1.67 -2.78 -10.34
CA LEU B 4 -3.10 -2.95 -10.46
C LEU B 4 -3.33 -4.03 -11.50
N GLN B 5 -4.08 -5.07 -11.15
CA GLN B 5 -4.31 -6.19 -12.09
C GLN B 5 -5.75 -6.32 -12.55
N GLN B 6 -5.99 -6.06 -13.83
CA GLN B 6 -7.35 -6.09 -14.34
C GLN B 6 -7.80 -7.48 -14.82
N SER B 7 -9.12 -7.69 -14.76
CA SER B 7 -9.76 -8.90 -15.28
C SER B 7 -9.57 -8.97 -16.79
N GLY B 8 -9.71 -10.17 -17.36
CA GLY B 8 -9.59 -10.36 -18.81
C GLY B 8 -10.58 -9.60 -19.67
N PRO B 9 -10.45 -9.73 -21.01
CA PRO B 9 -11.37 -9.09 -21.97
C PRO B 9 -12.73 -9.79 -21.89
N GLU B 10 -13.78 -9.17 -22.43
CA GLU B 10 -15.14 -9.69 -22.26
C GLU B 10 -15.99 -9.53 -23.51
N LEU B 11 -16.98 -10.41 -23.66
CA LEU B 11 -18.06 -10.22 -24.62
C LEU B 11 -19.40 -10.28 -23.87
N MET B 12 -20.22 -9.24 -24.06
CA MET B 12 -21.53 -9.14 -23.44
C MET B 12 -22.54 -8.75 -24.51
N LYS B 13 -23.72 -9.37 -24.51
CA LYS B 13 -24.78 -8.97 -25.44
C LYS B 13 -25.44 -7.68 -24.94
N PRO B 14 -25.73 -6.73 -25.87
CA PRO B 14 -26.31 -5.43 -25.50
C PRO B 14 -27.40 -5.53 -24.43
N GLY B 15 -27.39 -4.56 -23.52
CA GLY B 15 -28.38 -4.52 -22.46
C GLY B 15 -28.12 -5.47 -21.31
N ALA B 16 -27.02 -6.22 -21.37
CA ALA B 16 -26.55 -6.93 -20.18
C ALA B 16 -25.55 -6.01 -19.45
N SER B 17 -24.90 -6.52 -18.40
CA SER B 17 -23.96 -5.68 -17.65
C SER B 17 -22.65 -6.38 -17.31
N VAL B 18 -21.55 -5.70 -17.57
CA VAL B 18 -20.24 -6.24 -17.24
C VAL B 18 -19.77 -5.72 -15.88
N LYS B 19 -19.16 -6.59 -15.06
CA LYS B 19 -18.46 -6.17 -13.85
C LYS B 19 -16.96 -6.54 -13.92
N ILE B 20 -16.09 -5.53 -13.91
CA ILE B 20 -14.64 -5.71 -14.18
C ILE B 20 -13.78 -5.35 -12.97
N SER B 21 -12.77 -6.16 -12.71
CA SER B 21 -11.97 -6.02 -11.48
C SER B 21 -10.59 -5.41 -11.65
N CYS B 22 -10.10 -4.81 -10.57
CA CYS B 22 -8.77 -4.23 -10.52
C CYS B 22 -8.20 -4.64 -9.16
N LYS B 23 -7.13 -5.43 -9.19
CA LYS B 23 -6.49 -5.94 -7.97
C LYS B 23 -5.28 -5.10 -7.56
N ALA B 24 -5.41 -4.35 -6.46
CA ALA B 24 -4.39 -3.40 -6.03
C ALA B 24 -3.43 -3.96 -4.99
N THR B 25 -2.14 -3.72 -5.20
CA THR B 25 -1.09 -4.21 -4.31
C THR B 25 -0.05 -3.11 -4.02
N GLY B 26 0.87 -3.41 -3.09
CA GLY B 26 2.01 -2.53 -2.82
C GLY B 26 1.70 -1.16 -2.27
N TYR B 27 0.46 -0.95 -1.84
CA TYR B 27 0.10 0.26 -1.10
C TYR B 27 -1.00 0.03 -0.08
N THR B 28 -1.21 1.03 0.78
CA THR B 28 -2.30 1.04 1.73
C THR B 28 -3.64 1.17 0.98
N PHE B 29 -4.29 0.02 0.73
CA PHE B 29 -5.46 -0.04 -0.15
C PHE B 29 -6.55 1.02 0.07
N SER B 30 -6.55 1.64 1.25
CA SER B 30 -7.63 2.54 1.66
C SER B 30 -7.20 4.00 1.73
N THR B 31 -5.90 4.25 1.56
CA THR B 31 -5.36 5.63 1.49
C THR B 31 -5.64 6.33 0.13
N SER B 32 -5.74 5.54 -0.93
CA SER B 32 -5.86 6.07 -2.31
C SER B 32 -7.17 5.68 -2.96
N TRP B 33 -7.73 6.65 -3.70
CA TRP B 33 -8.88 6.43 -4.58
C TRP B 33 -8.52 5.53 -5.77
N ILE B 34 -9.47 4.74 -6.23
CA ILE B 34 -9.29 3.98 -7.45
C ILE B 34 -10.11 4.63 -8.55
N GLU B 35 -9.42 5.07 -9.61
CA GLU B 35 -10.06 5.82 -10.70
C GLU B 35 -10.29 4.93 -11.92
N TRP B 36 -11.45 5.11 -12.57
CA TRP B 36 -11.80 4.32 -13.74
C TRP B 36 -11.89 5.17 -15.01
N ILE B 37 -11.07 4.84 -16.00
CA ILE B 37 -10.91 5.65 -17.21
C ILE B 37 -11.26 4.85 -18.47
N LYS B 38 -12.10 5.41 -19.33
CA LYS B 38 -12.58 4.73 -20.53
C LYS B 38 -11.82 5.17 -21.78
N GLN B 39 -11.74 4.31 -22.79
CA GLN B 39 -11.10 4.69 -24.07
C GLN B 39 -11.54 3.91 -25.32
N ARG B 40 -12.21 4.59 -26.23
CA ARG B 40 -12.59 4.01 -27.52
C ARG B 40 -11.63 4.48 -28.60
N PRO B 41 -11.47 3.69 -29.69
CA PRO B 41 -10.84 4.25 -30.90
C PRO B 41 -11.49 5.58 -31.34
N GLY B 42 -10.66 6.59 -31.56
CA GLY B 42 -11.15 7.89 -32.00
C GLY B 42 -11.40 8.87 -30.88
N HIS B 43 -11.98 8.40 -29.77
CA HIS B 43 -12.39 9.29 -28.67
C HIS B 43 -11.39 9.46 -27.50
N GLY B 44 -10.23 8.81 -27.57
CA GLY B 44 -9.23 8.95 -26.52
C GLY B 44 -9.77 8.72 -25.11
N LEU B 45 -9.17 9.42 -24.14
CA LEU B 45 -9.39 9.18 -22.71
C LEU B 45 -10.55 10.02 -22.13
N GLU B 46 -11.55 9.31 -21.62
CA GLU B 46 -12.66 9.88 -20.82
C GLU B 46 -12.73 9.21 -19.42
N TRP B 47 -12.99 10.02 -18.40
CA TRP B 47 -13.07 9.55 -17.01
C TRP B 47 -14.49 9.05 -16.70
N ILE B 48 -14.59 7.86 -16.11
CA ILE B 48 -15.88 7.25 -15.82
C ILE B 48 -16.26 7.47 -14.37
N GLY B 49 -15.25 7.54 -13.52
CA GLY B 49 -15.48 7.65 -12.09
C GLY B 49 -14.39 7.13 -11.17
N GLU B 50 -14.76 6.91 -9.92
CA GLU B 50 -13.81 6.63 -8.86
C GLU B 50 -14.51 6.06 -7.64
N VAL B 51 -13.73 5.32 -6.83
CA VAL B 51 -14.15 4.85 -5.53
C VAL B 51 -12.97 4.95 -4.56
N LEU B 52 -13.25 5.43 -3.36
CA LEU B 52 -12.30 5.36 -2.25
C LEU B 52 -12.74 4.14 -1.48
N PRO B 53 -11.90 3.08 -1.49
CA PRO B 53 -12.35 1.76 -1.06
C PRO B 53 -12.83 1.69 0.39
N GLY B 54 -14.12 1.32 0.54
CA GLY B 54 -14.73 1.02 1.85
C GLY B 54 -14.98 2.20 2.76
N SER B 55 -15.05 3.39 2.19
CA SER B 55 -15.56 4.55 2.91
C SER B 55 -16.95 4.90 2.37
N GLY B 56 -17.53 3.99 1.59
CA GLY B 56 -18.85 4.20 0.99
C GLY B 56 -18.86 5.23 -0.14
N LYS B 57 -17.80 6.04 -0.22
CA LYS B 57 -17.70 7.16 -1.17
C LYS B 57 -17.31 6.72 -2.58
N SER B 58 -18.07 7.19 -3.56
CA SER B 58 -17.80 6.94 -4.98
C SER B 58 -18.42 8.00 -5.88
N ASN B 59 -17.67 8.45 -6.88
CA ASN B 59 -18.18 9.53 -7.73
C ASN B 59 -18.46 9.16 -9.19
N HIS B 60 -19.72 9.37 -9.58
CA HIS B 60 -20.24 9.06 -10.90
C HIS B 60 -19.94 10.23 -11.82
N ASN B 61 -19.30 9.95 -12.96
CA ASN B 61 -19.19 10.92 -14.02
C ASN B 61 -20.60 11.19 -14.47
N ALA B 62 -20.97 12.46 -14.49
CA ALA B 62 -22.34 12.90 -14.83
C ALA B 62 -22.89 12.18 -16.07
N ASN B 63 -22.09 12.11 -17.13
CA ASN B 63 -22.44 11.45 -18.39
C ASN B 63 -23.19 10.13 -18.29
N PHE B 64 -22.92 9.38 -17.23
CA PHE B 64 -23.28 7.96 -17.16
C PHE B 64 -24.57 7.65 -16.39
N LYS B 65 -25.10 8.66 -15.70
CA LYS B 65 -26.36 8.58 -14.94
C LYS B 65 -26.63 7.21 -14.28
N GLY B 66 -25.89 6.92 -13.22
CA GLY B 66 -26.12 5.72 -12.39
C GLY B 66 -25.70 4.39 -12.98
N ARG B 67 -25.21 4.41 -14.22
CA ARG B 67 -24.87 3.17 -14.93
C ARG B 67 -23.53 2.56 -14.51
N ALA B 68 -22.58 3.41 -14.12
CA ALA B 68 -21.25 2.97 -13.72
C ALA B 68 -21.14 2.83 -12.20
N THR B 69 -21.46 1.64 -11.70
CA THR B 69 -21.56 1.37 -10.26
C THR B 69 -20.23 0.97 -9.66
N PHE B 70 -19.53 1.93 -9.06
CA PHE B 70 -18.19 1.73 -8.53
C PHE B 70 -18.16 1.23 -7.08
N THR B 71 -17.83 -0.05 -6.92
CA THR B 71 -17.79 -0.69 -5.61
C THR B 71 -16.34 -0.97 -5.23
N ALA B 72 -16.12 -1.55 -4.05
CA ALA B 72 -14.80 -2.04 -3.63
C ALA B 72 -14.89 -3.02 -2.45
N ASP B 73 -13.77 -3.69 -2.14
CA ASP B 73 -13.72 -4.74 -1.12
C ASP B 73 -12.41 -4.70 -0.36
N THR B 74 -12.40 -3.93 0.73
CA THR B 74 -11.15 -3.48 1.41
C THR B 74 -10.20 -4.54 1.97
N ALA B 75 -10.68 -5.77 2.11
CA ALA B 75 -9.85 -6.86 2.62
C ALA B 75 -9.67 -7.90 1.55
N SER B 76 -9.93 -7.48 0.31
CA SER B 76 -9.62 -8.26 -0.86
C SER B 76 -8.67 -7.45 -1.74
N ASN B 77 -8.56 -6.16 -1.40
CA ASN B 77 -7.74 -5.21 -2.16
C ASN B 77 -8.13 -5.22 -3.62
N THR B 78 -9.43 -5.28 -3.86
CA THR B 78 -9.98 -5.32 -5.20
C THR B 78 -11.09 -4.29 -5.31
N ALA B 79 -11.02 -3.43 -6.34
CA ALA B 79 -12.10 -2.51 -6.67
C ALA B 79 -12.80 -3.02 -7.91
N TYR B 80 -14.06 -2.61 -8.10
CA TYR B 80 -14.89 -3.11 -9.19
C TYR B 80 -15.56 -2.01 -9.98
N MET B 81 -16.00 -2.34 -11.19
CA MET B 81 -16.84 -1.45 -11.96
C MET B 81 -17.90 -2.21 -12.75
N GLN B 82 -19.16 -1.97 -12.41
CA GLN B 82 -20.26 -2.58 -13.12
C GLN B 82 -20.87 -1.57 -14.07
N LEU B 83 -21.09 -1.98 -15.33
CA LEU B 83 -21.75 -1.12 -16.32
C LEU B 83 -23.17 -1.58 -16.67
N SER B 84 -24.14 -0.76 -16.25
CA SER B 84 -25.54 -1.14 -16.05
C SER B 84 -26.32 -1.76 -17.22
N SER B 85 -26.30 -1.13 -18.38
CA SER B 85 -27.08 -1.62 -19.52
C SER B 85 -26.35 -1.22 -20.78
N LEU B 86 -26.06 -2.21 -21.62
CA LEU B 86 -24.99 -2.07 -22.60
C LEU B 86 -25.41 -1.78 -24.05
N THR B 87 -24.75 -0.80 -24.65
CA THR B 87 -24.89 -0.50 -26.07
C THR B 87 -23.47 -0.67 -26.61
N SER B 88 -23.27 -0.51 -27.93
CA SER B 88 -21.91 -0.61 -28.50
C SER B 88 -21.06 0.64 -28.25
N GLU B 89 -21.68 1.66 -27.67
CA GLU B 89 -20.96 2.87 -27.27
C GLU B 89 -20.04 2.53 -26.09
N ASP B 90 -20.33 1.41 -25.44
CA ASP B 90 -19.55 0.92 -24.32
C ASP B 90 -18.31 0.12 -24.75
N SER B 91 -18.39 -0.55 -25.91
CA SER B 91 -17.26 -1.27 -26.48
C SER B 91 -15.99 -0.41 -26.49
N ALA B 92 -15.15 -0.65 -25.49
CA ALA B 92 -13.93 0.14 -25.32
C ALA B 92 -12.92 -0.58 -24.44
N VAL B 93 -11.79 0.09 -24.21
CA VAL B 93 -10.83 -0.37 -23.23
C VAL B 93 -11.05 0.43 -21.98
N TYR B 94 -11.07 -0.26 -20.85
CA TYR B 94 -11.34 0.36 -19.58
C TYR B 94 -10.12 0.16 -18.71
N TYR B 95 -9.74 1.22 -17.99
CA TYR B 95 -8.56 1.20 -17.12
C TYR B 95 -8.94 1.56 -15.70
N CYS B 96 -8.18 1.03 -14.76
CA CYS B 96 -8.20 1.54 -13.42
C CYS B 96 -6.86 2.24 -13.18
N ALA B 97 -6.89 3.25 -12.32
CA ALA B 97 -5.70 4.02 -12.03
C ALA B 97 -5.75 4.50 -10.58
N ARG B 98 -4.57 4.60 -9.97
CA ARG B 98 -4.41 5.09 -8.60
C ARG B 98 -3.72 6.44 -8.66
N GLU B 99 -4.24 7.41 -7.92
CA GLU B 99 -3.64 8.75 -7.92
C GLU B 99 -2.31 8.79 -7.16
N GLY B 100 -1.51 9.84 -7.41
CA GLY B 100 -0.14 9.92 -6.92
C GLY B 100 0.03 9.93 -5.40
N SER B 101 1.29 10.04 -4.97
CA SER B 101 1.63 10.02 -3.55
C SER B 101 0.99 11.18 -2.77
N ASN B 102 1.16 12.39 -3.30
CA ASN B 102 0.71 13.64 -2.67
C ASN B 102 -0.01 14.55 -3.68
N ASN B 103 -0.23 13.98 -4.86
CA ASN B 103 -0.57 14.76 -6.04
C ASN B 103 -1.74 14.11 -6.80
N ASN B 104 -2.72 14.93 -7.22
CA ASN B 104 -3.97 14.45 -7.83
C ASN B 104 -3.88 13.89 -9.28
N ALA B 105 -2.75 13.27 -9.63
CA ALA B 105 -2.51 12.80 -11.00
C ALA B 105 -2.57 11.29 -10.97
N LEU B 106 -3.04 10.69 -12.07
CA LEU B 106 -3.11 9.24 -12.26
C LEU B 106 -1.69 8.70 -12.45
N ALA B 107 -1.03 8.40 -11.34
CA ALA B 107 0.37 8.02 -11.34
C ALA B 107 0.57 6.55 -11.62
N TYR B 108 -0.42 5.72 -11.35
CA TYR B 108 -0.31 4.29 -11.63
C TYR B 108 -1.49 3.81 -12.43
N TRP B 109 -1.26 2.95 -13.41
CA TRP B 109 -2.31 2.53 -14.34
C TRP B 109 -2.49 1.02 -14.45
N GLY B 110 -3.74 0.56 -14.52
CA GLY B 110 -4.02 -0.84 -14.85
C GLY B 110 -3.43 -1.21 -16.19
N GLN B 111 -3.60 -2.46 -16.61
CA GLN B 111 -3.14 -2.89 -17.96
C GLN B 111 -4.23 -2.70 -19.03
N GLY B 112 -5.49 -2.61 -18.59
CA GLY B 112 -6.64 -2.37 -19.46
C GLY B 112 -7.50 -3.59 -19.70
N THR B 113 -8.79 -3.36 -19.91
CA THR B 113 -9.74 -4.45 -20.15
C THR B 113 -10.61 -4.14 -21.34
N LEU B 114 -10.53 -4.96 -22.38
CA LEU B 114 -11.33 -4.71 -23.56
C LEU B 114 -12.70 -5.33 -23.43
N VAL B 115 -13.73 -4.48 -23.42
CA VAL B 115 -15.09 -4.97 -23.43
C VAL B 115 -15.67 -4.77 -24.82
N THR B 116 -16.22 -5.86 -25.38
CA THR B 116 -16.91 -5.75 -26.65
C THR B 116 -18.37 -6.07 -26.42
N VAL B 117 -19.22 -5.18 -26.94
CA VAL B 117 -20.66 -5.31 -26.84
C VAL B 117 -21.26 -5.54 -28.23
N SER B 118 -21.79 -6.75 -28.41
CA SER B 118 -22.34 -7.22 -29.68
C SER B 118 -23.16 -8.47 -29.44
N ALA B 119 -24.17 -8.69 -30.28
CA ALA B 119 -25.01 -9.86 -30.18
C ALA B 119 -24.28 -11.09 -30.73
N ALA B 120 -23.25 -10.84 -31.53
CA ALA B 120 -22.50 -11.90 -32.24
C ALA B 120 -21.79 -12.88 -31.30
N SER B 121 -21.60 -14.10 -31.79
CA SER B 121 -21.07 -15.22 -31.00
C SER B 121 -19.56 -15.28 -31.01
N THR B 122 -18.99 -15.87 -29.96
CA THR B 122 -17.54 -16.05 -29.83
C THR B 122 -17.01 -17.04 -30.87
N LYS B 123 -15.88 -16.71 -31.49
CA LYS B 123 -15.24 -17.62 -32.42
C LYS B 123 -13.74 -17.59 -32.17
N GLY B 124 -13.15 -18.76 -32.03
CA GLY B 124 -11.70 -18.88 -31.95
C GLY B 124 -11.04 -18.61 -33.29
N PRO B 125 -9.74 -18.27 -33.29
CA PRO B 125 -9.06 -18.00 -34.54
C PRO B 125 -8.54 -19.26 -35.23
N SER B 126 -8.58 -19.27 -36.56
CA SER B 126 -7.81 -20.24 -37.32
C SER B 126 -6.42 -19.64 -37.49
N VAL B 127 -5.39 -20.39 -37.11
CA VAL B 127 -4.03 -19.90 -37.30
C VAL B 127 -3.33 -20.61 -38.46
N PHE B 128 -2.99 -19.85 -39.51
CA PHE B 128 -2.27 -20.37 -40.69
C PHE B 128 -0.86 -19.79 -40.81
N PRO B 129 0.11 -20.60 -41.26
CA PRO B 129 1.49 -20.08 -41.38
C PRO B 129 1.74 -19.13 -42.55
N LEU B 130 2.82 -18.36 -42.43
CA LEU B 130 3.31 -17.54 -43.51
C LEU B 130 4.75 -17.98 -43.75
N ALA B 131 4.92 -18.86 -44.73
CA ALA B 131 6.12 -19.66 -44.86
C ALA B 131 7.19 -19.02 -45.74
N PRO B 132 8.41 -18.91 -45.20
CA PRO B 132 9.49 -18.20 -45.88
C PRO B 132 9.81 -18.83 -47.24
N SER B 133 10.38 -18.04 -48.15
CA SER B 133 11.28 -18.56 -49.17
C SER B 133 12.27 -17.50 -49.62
N SER B 134 13.07 -17.84 -50.63
CA SER B 134 14.05 -16.91 -51.17
C SER B 134 14.58 -17.40 -52.51
N THR B 141 18.32 -12.34 -44.89
CA THR B 141 17.20 -11.79 -44.13
C THR B 141 15.86 -12.21 -44.74
N ALA B 142 15.33 -13.35 -44.26
CA ALA B 142 14.03 -13.88 -44.69
C ALA B 142 12.92 -13.45 -43.72
N ALA B 143 11.67 -13.59 -44.16
CA ALA B 143 10.51 -13.16 -43.38
C ALA B 143 9.41 -14.21 -43.33
N LEU B 144 8.90 -14.45 -42.12
CA LEU B 144 7.91 -15.48 -41.88
C LEU B 144 6.95 -14.99 -40.83
N GLY B 145 5.77 -15.62 -40.77
CA GLY B 145 4.81 -15.29 -39.73
C GLY B 145 3.60 -16.19 -39.62
N CYS B 146 2.55 -15.68 -38.97
CA CYS B 146 1.27 -16.39 -38.85
C CYS B 146 0.12 -15.47 -39.14
N LEU B 147 -0.88 -16.02 -39.81
CA LEU B 147 -2.12 -15.31 -40.07
C LEU B 147 -3.20 -15.79 -39.12
N VAL B 148 -3.57 -14.94 -38.17
CA VAL B 148 -4.52 -15.28 -37.10
C VAL B 148 -5.95 -15.01 -37.57
N LYS B 149 -6.52 -15.96 -38.31
CA LYS B 149 -7.73 -15.68 -39.10
C LYS B 149 -9.05 -15.99 -38.41
N ASP B 150 -10.08 -15.28 -38.83
CA ASP B 150 -11.47 -15.55 -38.48
C ASP B 150 -11.77 -15.69 -36.99
N TYR B 151 -11.41 -14.67 -36.21
CA TYR B 151 -11.70 -14.66 -34.76
C TYR B 151 -12.62 -13.53 -34.28
N PHE B 152 -13.24 -13.76 -33.13
CA PHE B 152 -14.16 -12.81 -32.50
C PHE B 152 -14.43 -13.18 -31.03
N PRO B 153 -14.38 -12.20 -30.12
CA PRO B 153 -14.16 -10.77 -30.34
C PRO B 153 -12.67 -10.44 -30.38
N GLU B 154 -12.32 -9.16 -30.39
CA GLU B 154 -10.97 -8.74 -30.04
C GLU B 154 -10.72 -9.05 -28.54
N PRO B 155 -9.44 -9.13 -28.11
CA PRO B 155 -8.17 -9.21 -28.83
C PRO B 155 -7.59 -10.62 -28.86
N VAL B 156 -6.48 -10.79 -29.58
CA VAL B 156 -5.62 -11.96 -29.47
C VAL B 156 -4.20 -11.46 -29.19
N THR B 157 -3.40 -12.27 -28.49
CA THR B 157 -1.97 -11.97 -28.28
C THR B 157 -1.19 -12.88 -29.19
N VAL B 158 -0.02 -12.39 -29.62
CA VAL B 158 0.89 -13.15 -30.45
C VAL B 158 2.33 -12.91 -30.01
N SER B 159 3.10 -13.99 -29.87
CA SER B 159 4.52 -13.93 -29.58
C SER B 159 5.26 -15.12 -30.20
N TRP B 160 6.59 -15.11 -30.11
CA TRP B 160 7.40 -16.05 -30.86
C TRP B 160 8.41 -16.75 -29.98
N ASN B 161 8.54 -18.06 -30.15
CA ASN B 161 9.41 -18.88 -29.32
C ASN B 161 9.07 -18.71 -27.83
N SER B 162 7.77 -18.79 -27.52
CA SER B 162 7.26 -18.47 -26.18
C SER B 162 8.04 -17.31 -25.56
N GLY B 163 8.01 -16.15 -26.21
CA GLY B 163 8.61 -14.96 -25.63
C GLY B 163 10.08 -14.76 -25.93
N ALA B 164 10.80 -15.84 -26.22
CA ALA B 164 12.26 -15.78 -26.45
C ALA B 164 12.71 -14.93 -27.65
N LEU B 165 11.79 -14.71 -28.59
CA LEU B 165 12.10 -14.01 -29.85
C LEU B 165 11.24 -12.77 -30.01
N THR B 166 11.89 -11.60 -30.02
CA THR B 166 11.18 -10.31 -30.06
C THR B 166 11.74 -9.29 -31.06
N SER B 167 13.01 -9.42 -31.42
CA SER B 167 13.61 -8.54 -32.42
C SER B 167 13.02 -8.85 -33.78
N GLY B 168 12.68 -7.79 -34.52
CA GLY B 168 12.05 -7.90 -35.83
C GLY B 168 10.65 -8.49 -35.85
N VAL B 169 9.89 -8.27 -34.79
CA VAL B 169 8.52 -8.79 -34.75
C VAL B 169 7.57 -7.65 -35.01
N HIS B 170 6.67 -7.86 -35.96
CA HIS B 170 5.63 -6.91 -36.26
C HIS B 170 4.28 -7.61 -36.15
N THR B 171 3.54 -7.31 -35.09
CA THR B 171 2.17 -7.81 -34.96
C THR B 171 1.25 -6.67 -35.38
N PHE B 172 0.47 -6.89 -36.44
CA PHE B 172 -0.31 -5.80 -37.03
C PHE B 172 -1.64 -5.57 -36.31
N PRO B 173 -2.20 -4.35 -36.45
CA PRO B 173 -3.61 -4.18 -36.14
C PRO B 173 -4.52 -5.23 -36.78
N ALA B 174 -5.46 -5.71 -35.97
CA ALA B 174 -6.60 -6.47 -36.44
C ALA B 174 -7.41 -5.70 -37.48
N VAL B 175 -7.98 -6.40 -38.43
CA VAL B 175 -8.84 -5.80 -39.44
C VAL B 175 -10.22 -6.47 -39.29
N LEU B 176 -11.30 -5.70 -39.24
CA LEU B 176 -12.64 -6.28 -39.28
C LEU B 176 -12.89 -6.66 -40.73
N GLN B 177 -13.34 -7.90 -40.95
CA GLN B 177 -13.60 -8.40 -42.30
C GLN B 177 -15.05 -8.17 -42.67
N SER B 178 -15.33 -8.19 -43.98
CA SER B 178 -16.72 -8.24 -44.48
C SER B 178 -17.56 -9.21 -43.65
N SER B 179 -16.98 -10.36 -43.30
CA SER B 179 -17.68 -11.42 -42.55
C SER B 179 -18.20 -11.02 -41.15
N GLY B 180 -17.67 -9.93 -40.59
CA GLY B 180 -17.93 -9.56 -39.18
C GLY B 180 -16.99 -10.25 -38.18
N LEU B 181 -15.98 -10.92 -38.73
CA LEU B 181 -14.94 -11.60 -37.97
C LEU B 181 -13.66 -10.82 -38.14
N TYR B 182 -12.71 -10.99 -37.22
CA TYR B 182 -11.44 -10.26 -37.29
C TYR B 182 -10.34 -11.09 -37.90
N SER B 183 -9.30 -10.43 -38.40
CA SER B 183 -8.08 -11.10 -38.83
C SER B 183 -6.86 -10.21 -38.60
N LEU B 184 -5.76 -10.79 -38.10
CA LEU B 184 -4.49 -10.05 -37.99
C LEU B 184 -3.31 -10.91 -38.35
N SER B 185 -2.18 -10.26 -38.59
CA SER B 185 -0.95 -10.93 -38.91
C SER B 185 0.15 -10.56 -37.95
N SER B 186 0.96 -11.55 -37.59
CA SER B 186 2.23 -11.27 -36.94
C SER B 186 3.35 -11.85 -37.78
N VAL B 187 4.38 -11.05 -38.04
CA VAL B 187 5.54 -11.53 -38.79
C VAL B 187 6.87 -11.18 -38.13
N VAL B 188 7.86 -12.02 -38.39
CA VAL B 188 9.19 -11.80 -37.86
C VAL B 188 10.18 -12.01 -39.01
N THR B 189 11.24 -11.20 -39.01
CA THR B 189 12.34 -11.38 -39.97
C THR B 189 13.53 -11.96 -39.25
N VAL B 190 14.24 -12.85 -39.93
CA VAL B 190 15.36 -13.59 -39.34
C VAL B 190 16.39 -13.97 -40.41
N PRO B 191 17.69 -14.05 -40.02
CA PRO B 191 18.66 -14.51 -41.01
C PRO B 191 18.20 -15.84 -41.61
N SER B 192 18.24 -15.93 -42.95
CA SER B 192 17.84 -17.17 -43.65
C SER B 192 18.86 -18.31 -43.53
N SER B 193 20.04 -17.99 -42.98
CA SER B 193 21.06 -18.97 -42.65
C SER B 193 20.84 -19.62 -41.27
N SER B 194 19.59 -19.57 -40.81
CA SER B 194 19.17 -20.22 -39.57
C SER B 194 17.97 -21.11 -39.85
N LEU B 195 17.33 -20.90 -41.00
CA LEU B 195 16.09 -21.59 -41.38
C LEU B 195 16.27 -23.09 -41.60
N GLY B 196 17.39 -23.64 -41.12
CA GLY B 196 17.62 -25.08 -41.13
C GLY B 196 17.09 -25.69 -39.85
N THR B 197 17.74 -25.36 -38.74
CA THR B 197 17.30 -25.86 -37.44
C THR B 197 17.18 -24.83 -36.32
N GLN B 198 16.92 -23.58 -36.69
CA GLN B 198 16.37 -22.62 -35.76
C GLN B 198 14.83 -22.61 -35.82
N THR B 199 14.22 -23.18 -34.78
CA THR B 199 12.77 -23.41 -34.74
C THR B 199 11.98 -22.13 -34.49
N TYR B 200 10.87 -21.98 -35.22
CA TYR B 200 10.03 -20.80 -35.10
C TYR B 200 8.56 -21.15 -34.86
N ILE B 201 8.02 -20.68 -33.74
CA ILE B 201 6.63 -20.97 -33.33
C ILE B 201 5.92 -19.71 -32.86
N CYS B 202 4.76 -19.43 -33.45
CA CYS B 202 3.96 -18.31 -32.97
C CYS B 202 2.90 -18.80 -32.00
N ASN B 203 2.84 -18.12 -30.86
CA ASN B 203 1.98 -18.48 -29.74
C ASN B 203 0.78 -17.55 -29.75
N VAL B 204 -0.38 -18.11 -30.08
CA VAL B 204 -1.59 -17.32 -30.27
C VAL B 204 -2.57 -17.67 -29.17
N ASN B 205 -2.85 -16.69 -28.32
CA ASN B 205 -3.83 -16.87 -27.26
C ASN B 205 -5.02 -15.92 -27.49
N HIS B 206 -6.21 -16.49 -27.55
CA HIS B 206 -7.45 -15.72 -27.66
C HIS B 206 -8.41 -16.17 -26.55
N LYS B 207 -8.32 -15.52 -25.40
CA LYS B 207 -9.04 -15.95 -24.21
C LYS B 207 -10.57 -16.02 -24.30
N PRO B 208 -11.23 -15.08 -24.99
CA PRO B 208 -12.70 -15.22 -25.06
C PRO B 208 -13.24 -16.61 -25.49
N SER B 209 -12.50 -17.35 -26.32
CA SER B 209 -12.91 -18.71 -26.71
C SER B 209 -12.02 -19.78 -26.06
N ASN B 210 -11.19 -19.30 -25.12
CA ASN B 210 -10.27 -20.12 -24.35
C ASN B 210 -9.28 -20.88 -25.22
N THR B 211 -9.03 -20.37 -26.41
CA THR B 211 -8.12 -20.99 -27.38
C THR B 211 -6.66 -20.62 -27.09
N LYS B 212 -5.78 -21.58 -27.36
CA LYS B 212 -4.33 -21.38 -27.36
C LYS B 212 -3.80 -22.25 -28.48
N VAL B 213 -3.00 -21.65 -29.36
CA VAL B 213 -2.42 -22.34 -30.50
C VAL B 213 -0.92 -22.09 -30.53
N ASP B 214 -0.15 -23.16 -30.57
CA ASP B 214 1.29 -23.03 -30.75
C ASP B 214 1.69 -23.61 -32.10
N LYS B 215 1.86 -22.72 -33.08
CA LYS B 215 2.07 -23.10 -34.48
C LYS B 215 3.54 -22.96 -34.93
N LYS B 216 4.06 -24.04 -35.51
CA LYS B 216 5.37 -24.05 -36.13
C LYS B 216 5.20 -23.53 -37.56
N VAL B 217 5.91 -22.45 -37.86
CA VAL B 217 6.00 -21.90 -39.20
C VAL B 217 7.24 -22.52 -39.86
N GLU B 218 7.00 -23.34 -40.88
CA GLU B 218 8.05 -24.14 -41.50
C GLU B 218 8.28 -23.74 -42.95
N PRO B 219 9.55 -23.84 -43.42
CA PRO B 219 9.78 -23.56 -44.84
C PRO B 219 9.04 -24.61 -45.66
N LYS B 220 8.04 -24.19 -46.44
CA LYS B 220 7.22 -25.13 -47.23
C LYS B 220 7.97 -25.64 -48.47
N SER B 221 9.30 -25.68 -48.39
CA SER B 221 10.22 -26.22 -49.41
C SER B 221 9.65 -27.49 -50.06
N CYS B 222 9.19 -27.35 -51.31
CA CYS B 222 8.40 -28.37 -51.98
C CYS B 222 9.23 -29.49 -52.63
N HIS B 223 8.57 -30.34 -53.42
CA HIS B 223 9.21 -31.51 -54.05
C HIS B 223 9.39 -31.36 -55.57
N HIS B 224 9.81 -30.17 -56.03
CA HIS B 224 9.96 -29.90 -57.47
C HIS B 224 11.37 -29.49 -57.86
N HIS B 225 12.15 -29.06 -56.87
CA HIS B 225 13.37 -28.27 -57.12
C HIS B 225 14.66 -29.06 -56.93
N HIS B 226 15.38 -28.77 -55.86
CA HIS B 226 16.68 -29.38 -55.66
C HIS B 226 17.12 -29.39 -54.18
N HIS B 227 17.70 -28.29 -53.68
CA HIS B 227 18.34 -28.33 -52.37
C HIS B 227 18.00 -27.22 -51.35
N HIS B 228 18.73 -26.11 -51.42
CA HIS B 228 18.78 -25.12 -50.32
C HIS B 228 17.91 -23.87 -50.55
N PCA C 1 5.64 -22.65 9.63
CA PCA C 1 6.85 -22.83 10.44
CB PCA C 1 7.74 -21.60 10.30
CG PCA C 1 7.26 -20.87 9.06
CD PCA C 1 6.19 -21.82 8.57
OE PCA C 1 5.84 -21.85 7.39
C PCA C 1 6.52 -23.08 11.90
O PCA C 1 5.29 -23.12 12.25
N ILE C 2 7.42 -23.15 12.81
CA ILE C 2 7.22 -23.65 14.18
C ILE C 2 6.51 -22.64 15.09
N VAL C 3 5.46 -23.08 15.78
CA VAL C 3 4.64 -22.16 16.59
C VAL C 3 4.75 -22.38 18.11
N LEU C 4 5.33 -21.38 18.76
CA LEU C 4 5.48 -21.32 20.22
C LEU C 4 4.16 -20.95 20.89
N THR C 5 3.65 -21.85 21.73
CA THR C 5 2.41 -21.63 22.46
C THR C 5 2.74 -21.60 23.95
N GLN C 6 2.46 -20.48 24.59
CA GLN C 6 2.76 -20.32 26.00
C GLN C 6 1.56 -20.60 26.88
N SER C 7 1.73 -21.53 27.81
CA SER C 7 0.71 -21.85 28.82
C SER C 7 1.32 -21.81 30.22
N PRO C 8 0.59 -21.22 31.20
CA PRO C 8 -0.70 -20.58 30.96
C PRO C 8 -0.53 -19.15 30.40
N ALA C 9 -1.50 -18.70 29.59
CA ALA C 9 -1.50 -17.32 29.11
C ALA C 9 -1.58 -16.33 30.29
N ILE C 10 -2.47 -16.60 31.25
CA ILE C 10 -2.64 -15.78 32.47
C ILE C 10 -2.82 -16.65 33.72
N MET C 11 -2.06 -16.34 34.78
CA MET C 11 -2.10 -17.10 36.03
C MET C 11 -1.67 -16.21 37.19
N SER C 12 -1.94 -16.65 38.41
CA SER C 12 -1.49 -15.94 39.60
C SER C 12 -0.93 -16.93 40.62
N ALA C 13 -0.17 -16.42 41.59
CA ALA C 13 0.63 -17.28 42.49
C ALA C 13 0.95 -16.58 43.81
N SER C 14 0.60 -17.22 44.94
CA SER C 14 0.82 -16.62 46.27
C SER C 14 2.29 -16.67 46.73
N PRO C 15 2.71 -15.68 47.55
CA PRO C 15 4.11 -15.57 48.00
C PRO C 15 4.71 -16.90 48.53
N GLY C 16 5.84 -17.33 47.95
CA GLY C 16 6.47 -18.58 48.34
C GLY C 16 5.97 -19.80 47.59
N GLU C 17 5.07 -19.60 46.63
CA GLU C 17 4.54 -20.71 45.81
C GLU C 17 5.42 -21.00 44.60
N LYS C 18 5.60 -22.29 44.29
CA LYS C 18 6.39 -22.72 43.14
C LYS C 18 5.65 -22.45 41.82
N VAL C 19 6.22 -21.55 40.99
CA VAL C 19 5.63 -21.20 39.71
C VAL C 19 6.33 -21.97 38.58
N THR C 20 5.56 -22.44 37.60
CA THR C 20 6.07 -23.17 36.43
C THR C 20 5.24 -22.79 35.20
N MET C 21 5.84 -22.06 34.26
CA MET C 21 5.18 -21.77 33.00
C MET C 21 5.87 -22.52 31.89
N THR C 22 5.15 -22.75 30.80
CA THR C 22 5.61 -23.64 29.74
C THR C 22 5.68 -22.87 28.44
N CYS C 23 6.57 -23.32 27.55
CA CYS C 23 6.57 -22.85 26.18
C CYS C 23 6.51 -24.12 25.34
N SER C 24 5.48 -24.25 24.51
CA SER C 24 5.25 -25.47 23.75
C SER C 24 5.38 -25.22 22.25
N ALA C 25 6.21 -26.03 21.57
CA ALA C 25 6.44 -25.87 20.14
C ALA C 25 5.64 -26.87 19.30
N SER C 26 5.32 -26.49 18.06
CA SER C 26 4.53 -27.34 17.16
C SER C 26 5.40 -28.36 16.45
N SER C 27 6.71 -28.14 16.52
CA SER C 27 7.74 -28.97 15.92
C SER C 27 8.90 -28.88 16.89
N SER C 28 9.98 -29.63 16.67
CA SER C 28 11.10 -29.63 17.62
C SER C 28 11.96 -28.36 17.52
N VAL C 29 12.45 -27.87 18.67
CA VAL C 29 13.47 -26.77 18.71
C VAL C 29 14.54 -27.05 19.77
N SER C 30 15.75 -26.49 19.58
CA SER C 30 16.90 -26.87 20.41
C SER C 30 17.12 -25.98 21.65
N TYR C 31 16.60 -24.75 21.64
CA TYR C 31 16.80 -23.83 22.77
C TYR C 31 15.62 -22.91 22.97
N MET C 32 15.52 -22.36 24.18
CA MET C 32 14.55 -21.29 24.46
C MET C 32 15.21 -20.11 25.16
N HIS C 33 14.77 -18.90 24.81
CA HIS C 33 15.12 -17.68 25.55
C HIS C 33 13.88 -17.12 26.21
N TRP C 34 14.03 -16.61 27.42
CA TRP C 34 12.90 -16.06 28.14
C TRP C 34 13.16 -14.61 28.55
N TYR C 35 12.20 -13.74 28.22
CA TYR C 35 12.27 -12.31 28.59
C TYR C 35 11.21 -11.91 29.63
N GLN C 36 11.58 -11.03 30.55
CA GLN C 36 10.63 -10.45 31.51
C GLN C 36 10.31 -9.00 31.18
N GLN C 37 9.02 -8.68 31.05
CA GLN C 37 8.61 -7.29 30.83
C GLN C 37 7.63 -6.78 31.87
N LYS C 38 7.83 -5.55 32.35
CA LYS C 38 6.88 -4.91 33.25
C LYS C 38 6.40 -3.61 32.65
N SER C 39 5.11 -3.33 32.80
CA SER C 39 4.44 -2.21 32.10
C SER C 39 5.23 -0.94 31.99
N GLY C 40 5.37 -0.46 30.76
CA GLY C 40 5.96 0.85 30.49
C GLY C 40 7.44 0.83 30.21
N THR C 41 8.11 -0.28 30.55
CA THR C 41 9.53 -0.38 30.30
C THR C 41 9.91 -1.57 29.41
N SER C 42 11.15 -1.53 28.90
CA SER C 42 11.67 -2.46 27.91
C SER C 42 11.81 -3.86 28.46
N PRO C 43 11.59 -4.89 27.62
CA PRO C 43 11.80 -6.27 28.09
C PRO C 43 13.26 -6.55 28.49
N LYS C 44 13.48 -7.34 29.53
CA LYS C 44 14.82 -7.71 29.97
C LYS C 44 15.13 -9.15 29.59
N ARG C 45 16.38 -9.42 29.20
CA ARG C 45 16.82 -10.81 29.08
C ARG C 45 16.73 -11.45 30.46
N TRP C 46 16.15 -12.64 30.53
CA TRP C 46 15.92 -13.29 31.81
C TRP C 46 16.58 -14.67 31.91
N ILE C 47 16.14 -15.58 31.04
CA ILE C 47 16.79 -16.88 30.85
C ILE C 47 17.15 -17.05 29.36
N TYR C 48 18.33 -17.58 29.10
CA TYR C 48 18.78 -17.75 27.73
C TYR C 48 19.42 -19.13 27.58
N ASP C 49 19.47 -19.64 26.35
CA ASP C 49 19.97 -20.99 26.07
C ASP C 49 19.34 -21.97 27.04
N SER C 50 18.01 -21.85 27.19
CA SER C 50 17.18 -22.81 27.94
C SER C 50 17.24 -22.74 29.47
N SER C 51 18.43 -22.63 30.03
CA SER C 51 18.60 -22.80 31.48
C SER C 51 19.58 -21.84 32.14
N ARG C 52 20.21 -21.00 31.33
CA ARG C 52 21.24 -20.10 31.83
C ARG C 52 20.61 -18.79 32.29
N LEU C 53 20.86 -18.42 33.54
CA LEU C 53 20.25 -17.23 34.10
C LEU C 53 21.02 -15.94 33.75
N ALA C 54 20.39 -15.05 32.97
CA ALA C 54 20.96 -13.73 32.71
C ALA C 54 21.32 -13.03 34.03
N SER C 55 22.58 -12.59 34.14
CA SER C 55 23.10 -11.88 35.32
C SER C 55 22.07 -10.97 35.99
N GLY C 56 21.97 -11.04 37.32
CA GLY C 56 21.03 -10.21 38.06
C GLY C 56 19.68 -10.86 38.32
N VAL C 57 19.38 -11.92 37.56
CA VAL C 57 18.18 -12.73 37.80
C VAL C 57 18.41 -13.60 39.04
N PRO C 58 17.49 -13.54 40.02
CA PRO C 58 17.70 -14.26 41.28
C PRO C 58 17.71 -15.78 41.11
N SER C 59 18.36 -16.45 42.05
CA SER C 59 18.68 -17.88 41.95
C SER C 59 17.46 -18.82 41.99
N ARG C 60 16.36 -18.33 42.57
CA ARG C 60 15.11 -19.06 42.66
C ARG C 60 14.47 -19.34 41.29
N PHE C 61 14.88 -18.58 40.28
CA PHE C 61 14.45 -18.79 38.92
C PHE C 61 15.18 -19.95 38.30
N SER C 62 14.48 -20.74 37.48
CA SER C 62 15.12 -21.77 36.68
C SER C 62 14.44 -21.97 35.34
N GLY C 63 15.10 -22.72 34.45
CA GLY C 63 14.55 -23.05 33.13
C GLY C 63 15.11 -24.35 32.58
N GLY C 64 14.38 -24.97 31.66
CA GLY C 64 14.80 -26.25 31.12
C GLY C 64 13.94 -26.77 29.98
N GLY C 65 13.98 -28.08 29.79
CA GLY C 65 13.27 -28.71 28.68
C GLY C 65 14.15 -28.85 27.45
N SER C 66 13.57 -29.47 26.41
CA SER C 66 14.26 -29.87 25.19
C SER C 66 13.19 -30.26 24.15
N GLY C 67 13.54 -30.17 22.87
CA GLY C 67 12.68 -30.64 21.78
C GLY C 67 11.36 -29.91 21.56
N THR C 68 10.31 -30.36 22.25
CA THR C 68 8.95 -29.85 22.01
C THR C 68 8.35 -29.05 23.19
N SER C 69 8.86 -29.27 24.41
CA SER C 69 8.42 -28.53 25.60
C SER C 69 9.58 -27.84 26.36
N TYR C 70 9.33 -26.60 26.79
CA TYR C 70 10.29 -25.81 27.58
C TYR C 70 9.53 -25.00 28.62
N SER C 71 10.22 -24.69 29.72
CA SER C 71 9.54 -24.18 30.88
C SER C 71 10.39 -23.22 31.70
N LEU C 72 9.72 -22.24 32.31
CA LEU C 72 10.31 -21.34 33.29
C LEU C 72 9.77 -21.72 34.66
N THR C 73 10.62 -21.66 35.68
CA THR C 73 10.25 -22.09 37.02
C THR C 73 10.74 -21.09 38.04
N ILE C 74 9.91 -20.83 39.04
CA ILE C 74 10.28 -19.99 40.15
C ILE C 74 10.11 -20.88 41.37
N SER C 75 11.23 -21.16 42.04
CA SER C 75 11.21 -22.01 43.23
C SER C 75 10.17 -21.49 44.22
N ASN C 76 10.04 -20.17 44.32
CA ASN C 76 9.08 -19.57 45.24
C ASN C 76 8.75 -18.11 44.86
N MET C 77 7.45 -17.80 44.82
CA MET C 77 6.98 -16.54 44.28
C MET C 77 7.34 -15.35 45.18
N GLU C 78 7.79 -14.27 44.54
CA GLU C 78 8.14 -13.02 45.21
C GLU C 78 7.32 -11.91 44.54
N ALA C 79 7.16 -10.78 45.22
CA ALA C 79 6.38 -9.64 44.70
C ALA C 79 6.88 -9.06 43.36
N GLU C 80 8.21 -8.93 43.25
CA GLU C 80 8.90 -8.46 42.05
C GLU C 80 8.86 -9.43 40.85
N ASP C 81 8.18 -10.57 40.98
CA ASP C 81 8.15 -11.59 39.92
C ASP C 81 6.88 -11.48 39.05
N ALA C 82 5.96 -10.61 39.45
CA ALA C 82 4.72 -10.38 38.69
C ALA C 82 5.02 -9.58 37.42
N ALA C 83 5.14 -10.29 36.31
CA ALA C 83 5.48 -9.69 35.04
C ALA C 83 4.84 -10.51 33.94
N THR C 84 5.25 -10.23 32.69
CA THR C 84 4.93 -11.09 31.56
C THR C 84 6.21 -11.71 31.06
N TYR C 85 6.16 -12.99 30.76
CA TYR C 85 7.34 -13.75 30.36
C TYR C 85 7.14 -14.34 28.99
N PHE C 86 7.88 -13.83 28.02
CA PHE C 86 7.84 -14.35 26.66
C PHE C 86 8.96 -15.34 26.42
N CYS C 87 8.69 -16.40 25.66
CA CYS C 87 9.73 -17.32 25.26
C CYS C 87 10.10 -17.04 23.83
N GLN C 88 11.36 -17.26 23.48
CA GLN C 88 11.87 -16.82 22.18
C GLN C 88 12.85 -17.81 21.56
N ASN C 89 12.62 -18.12 20.29
CA ASN C 89 13.49 -18.98 19.45
C ASN C 89 13.46 -18.53 18.00
N TRP C 90 14.64 -18.21 17.47
CA TRP C 90 14.80 -17.59 16.15
C TRP C 90 14.31 -18.40 14.96
N ARG C 91 14.11 -19.70 15.16
CA ARG C 91 13.64 -20.58 14.10
C ARG C 91 12.11 -20.81 14.14
N SER C 92 11.47 -20.29 15.20
CA SER C 92 10.01 -20.26 15.29
C SER C 92 9.45 -19.12 14.44
N SER C 93 8.12 -19.06 14.31
CA SER C 93 7.41 -17.87 13.76
C SER C 93 5.96 -17.72 14.29
N PRO C 94 5.68 -16.60 14.98
CA PRO C 94 6.68 -15.54 15.18
C PRO C 94 7.78 -16.04 16.12
N THR C 95 8.90 -15.30 16.17
CA THR C 95 10.02 -15.64 17.04
C THR C 95 9.63 -15.61 18.55
N PHE C 96 8.57 -14.87 18.88
CA PHE C 96 8.08 -14.72 20.26
C PHE C 96 6.74 -15.39 20.52
N GLY C 97 6.66 -16.15 21.60
CA GLY C 97 5.38 -16.62 22.12
C GLY C 97 4.52 -15.43 22.53
N ALA C 98 3.34 -15.71 23.08
CA ALA C 98 2.43 -14.64 23.46
C ALA C 98 2.60 -14.17 24.91
N GLY C 99 3.61 -14.69 25.60
CA GLY C 99 3.90 -14.29 26.96
C GLY C 99 3.04 -14.99 27.98
N THR C 100 3.37 -14.79 29.26
CA THR C 100 2.63 -15.39 30.38
C THR C 100 2.52 -14.35 31.48
N LYS C 101 1.39 -13.65 31.52
CA LYS C 101 1.16 -12.62 32.50
C LYS C 101 1.01 -13.27 33.86
N LEU C 102 1.99 -13.04 34.72
CA LEU C 102 1.97 -13.57 36.07
C LEU C 102 1.59 -12.44 37.03
N GLU C 103 0.79 -12.77 38.05
CA GLU C 103 0.33 -11.76 39.00
C GLU C 103 0.49 -12.28 40.42
N LEU C 104 0.99 -11.45 41.34
CA LEU C 104 1.13 -11.90 42.73
C LEU C 104 -0.20 -11.75 43.48
N LYS C 105 -0.74 -12.89 43.89
CA LYS C 105 -2.05 -12.98 44.56
C LYS C 105 -1.89 -12.71 46.05
N ARG C 106 -2.45 -11.59 46.50
CA ARG C 106 -2.33 -11.16 47.89
C ARG C 106 -3.70 -11.07 48.57
N THR C 107 -3.69 -11.03 49.91
CA THR C 107 -4.95 -10.96 50.68
C THR C 107 -5.74 -9.73 50.29
N VAL C 108 -7.07 -9.84 50.34
CA VAL C 108 -7.96 -8.75 49.93
C VAL C 108 -7.62 -7.44 50.65
N ALA C 109 -7.61 -6.35 49.89
CA ALA C 109 -7.46 -5.03 50.49
C ALA C 109 -8.50 -4.05 49.93
N ALA C 110 -9.02 -3.22 50.83
CA ALA C 110 -10.11 -2.33 50.48
C ALA C 110 -9.57 -1.00 49.94
N PRO C 111 -10.15 -0.49 48.85
CA PRO C 111 -9.67 0.77 48.31
C PRO C 111 -9.98 1.96 49.20
N SER C 112 -9.02 2.85 49.37
CA SER C 112 -9.29 4.16 49.90
C SER C 112 -9.84 4.96 48.71
N VAL C 113 -10.89 5.75 48.95
CA VAL C 113 -11.64 6.39 47.85
C VAL C 113 -11.59 7.91 48.01
N PHE C 114 -11.42 8.63 46.90
CA PHE C 114 -11.30 10.09 46.96
C PHE C 114 -12.03 10.74 45.80
N ILE C 115 -12.65 11.90 46.04
CA ILE C 115 -13.34 12.59 44.96
C ILE C 115 -12.77 13.98 44.74
N PHE C 116 -12.73 14.39 43.47
CA PHE C 116 -12.10 15.64 43.09
C PHE C 116 -13.06 16.50 42.26
N PRO C 117 -13.30 17.74 42.72
CA PRO C 117 -14.17 18.66 42.01
C PRO C 117 -13.43 19.22 40.83
N PRO C 118 -14.16 19.75 39.84
CA PRO C 118 -13.50 20.48 38.75
C PRO C 118 -12.74 21.71 39.24
N SER C 119 -11.58 21.95 38.67
CA SER C 119 -10.84 23.16 38.97
C SER C 119 -11.58 24.38 38.39
N ASP C 120 -11.22 25.56 38.87
CA ASP C 120 -11.79 26.79 38.33
C ASP C 120 -11.18 27.12 36.98
N GLU C 121 -9.88 26.86 36.85
CA GLU C 121 -9.16 27.06 35.59
C GLU C 121 -9.83 26.27 34.46
N GLN C 122 -10.27 25.05 34.76
CA GLN C 122 -10.89 24.18 33.76
C GLN C 122 -12.22 24.71 33.24
N LEU C 123 -13.09 25.15 34.15
CA LEU C 123 -14.42 25.61 33.76
C LEU C 123 -14.33 26.83 32.86
N LYS C 124 -13.38 27.72 33.15
CA LYS C 124 -13.05 28.87 32.28
C LYS C 124 -13.06 28.49 30.81
N SER C 125 -12.36 27.40 30.48
CA SER C 125 -12.29 26.86 29.12
C SER C 125 -13.67 26.44 28.59
N GLY C 126 -14.40 25.63 29.36
CA GLY C 126 -15.77 25.27 28.96
C GLY C 126 -16.29 23.92 29.39
N THR C 127 -15.38 23.01 29.73
CA THR C 127 -15.80 21.66 30.13
C THR C 127 -15.48 21.42 31.59
N ALA C 128 -15.96 20.29 32.11
CA ALA C 128 -15.86 19.99 33.53
C ALA C 128 -15.51 18.53 33.78
N SER C 129 -14.30 18.29 34.28
CA SER C 129 -13.90 16.94 34.63
C SER C 129 -14.03 16.75 36.12
N VAL C 130 -14.58 15.61 36.51
CA VAL C 130 -14.84 15.29 37.92
C VAL C 130 -14.32 13.89 38.18
N VAL C 131 -13.33 13.80 39.06
CA VAL C 131 -12.50 12.60 39.21
C VAL C 131 -12.74 11.86 40.53
N CYS C 132 -12.86 10.54 40.44
CA CYS C 132 -12.96 9.68 41.61
C CYS C 132 -11.76 8.74 41.60
N LEU C 133 -11.07 8.57 42.73
CA LEU C 133 -9.88 7.70 42.85
C LEU C 133 -10.04 6.52 43.83
N LEU C 134 -9.61 5.33 43.41
CA LEU C 134 -9.69 4.16 44.27
C LEU C 134 -8.30 3.55 44.50
N ASN C 135 -7.79 3.71 45.71
CA ASN C 135 -6.36 3.45 45.96
C ASN C 135 -6.02 2.14 46.62
N ASN C 136 -5.08 1.43 46.00
CA ASN C 136 -4.48 0.23 46.55
C ASN C 136 -5.36 -0.88 47.03
N PHE C 137 -6.04 -1.55 46.10
CA PHE C 137 -7.02 -2.58 46.41
C PHE C 137 -6.82 -3.92 45.72
N TYR C 138 -6.88 -5.00 46.48
CA TYR C 138 -6.88 -6.31 45.87
C TYR C 138 -8.20 -7.06 46.15
N PRO C 139 -8.71 -7.84 45.17
CA PRO C 139 -8.29 -8.09 43.79
C PRO C 139 -8.59 -6.92 42.83
N ARG C 140 -8.60 -7.21 41.53
CA ARG C 140 -8.64 -6.15 40.52
C ARG C 140 -10.03 -5.56 40.31
N GLU C 141 -11.03 -6.43 40.33
CA GLU C 141 -12.39 -6.07 39.92
C GLU C 141 -13.01 -5.12 40.90
N ALA C 142 -13.75 -4.15 40.37
CA ALA C 142 -14.37 -3.09 41.18
C ALA C 142 -15.34 -2.25 40.37
N LYS C 143 -16.21 -1.51 41.07
CA LYS C 143 -17.26 -0.77 40.40
C LYS C 143 -17.33 0.67 40.85
N VAL C 144 -17.33 1.58 39.88
CA VAL C 144 -17.55 3.00 40.16
C VAL C 144 -18.89 3.44 39.57
N GLN C 145 -19.79 3.91 40.42
CA GLN C 145 -21.04 4.51 39.94
C GLN C 145 -21.04 5.99 40.24
N TRP C 146 -21.52 6.78 39.27
CA TRP C 146 -21.48 8.23 39.34
C TRP C 146 -22.88 8.82 39.41
N LYS C 147 -23.16 9.59 40.46
CA LYS C 147 -24.49 10.17 40.66
C LYS C 147 -24.46 11.69 40.69
N VAL C 148 -24.91 12.32 39.61
CA VAL C 148 -25.15 13.78 39.59
C VAL C 148 -26.54 14.12 40.17
N ASP C 149 -26.55 14.86 41.29
CA ASP C 149 -27.69 14.93 42.22
C ASP C 149 -28.08 13.50 42.67
N ASN C 150 -29.37 13.19 42.80
CA ASN C 150 -29.76 11.81 43.17
C ASN C 150 -29.36 10.81 42.07
N ALA C 151 -29.08 11.36 40.88
CA ALA C 151 -29.26 10.67 39.59
C ALA C 151 -28.06 9.94 39.00
N LEU C 152 -28.15 8.60 38.97
CA LEU C 152 -27.10 7.73 38.40
C LEU C 152 -26.74 8.13 36.97
N GLN C 153 -25.48 7.96 36.58
CA GLN C 153 -25.04 8.35 35.24
C GLN C 153 -24.55 7.12 34.50
N SER C 154 -24.45 7.21 33.18
CA SER C 154 -23.93 6.11 32.35
C SER C 154 -23.46 6.65 30.99
N GLY C 155 -22.30 6.17 30.52
CA GLY C 155 -21.78 6.56 29.20
C GLY C 155 -21.26 7.99 29.01
N ASN C 156 -20.80 8.63 30.09
CA ASN C 156 -20.07 9.91 29.97
C ASN C 156 -18.74 9.99 30.74
N SER C 157 -18.25 8.81 31.14
CA SER C 157 -17.07 8.67 31.97
C SER C 157 -16.14 7.58 31.45
N GLN C 158 -14.93 7.53 31.97
CA GLN C 158 -13.96 6.49 31.60
C GLN C 158 -13.10 6.07 32.79
N GLU C 159 -12.41 4.94 32.67
CA GLU C 159 -11.57 4.41 33.75
C GLU C 159 -10.16 4.04 33.32
N SER C 160 -9.26 3.96 34.31
CA SER C 160 -7.91 3.49 34.06
C SER C 160 -7.39 2.69 35.23
N VAL C 161 -6.57 1.67 34.97
CA VAL C 161 -6.01 0.87 36.09
C VAL C 161 -4.48 0.78 36.05
N THR C 162 -3.85 1.09 37.17
CA THR C 162 -2.42 0.87 37.30
C THR C 162 -2.18 -0.62 37.38
N GLU C 163 -1.01 -1.06 36.93
CA GLU C 163 -0.64 -2.46 37.01
C GLU C 163 -0.30 -2.75 38.45
N GLN C 164 -0.07 -4.01 38.76
CA GLN C 164 0.22 -4.43 40.11
C GLN C 164 1.39 -3.62 40.68
N ASP C 165 1.26 -3.11 41.90
CA ASP C 165 2.33 -2.33 42.53
C ASP C 165 3.51 -3.22 42.92
N SER C 166 4.73 -2.68 42.83
CA SER C 166 5.96 -3.46 43.05
C SER C 166 6.15 -3.87 44.51
N LYS C 167 5.86 -2.92 45.40
CA LYS C 167 5.98 -3.09 46.83
C LYS C 167 4.81 -3.91 47.40
N ASP C 168 3.59 -3.34 47.31
CA ASP C 168 2.40 -3.85 48.00
C ASP C 168 1.45 -4.71 47.16
N SER C 169 1.75 -4.91 45.89
CA SER C 169 0.96 -5.79 44.99
C SER C 169 -0.49 -5.35 44.69
N THR C 170 -0.85 -4.11 45.04
CA THR C 170 -2.20 -3.59 44.84
C THR C 170 -2.43 -3.02 43.46
N TYR C 171 -3.68 -2.66 43.20
CA TYR C 171 -4.08 -1.93 41.99
C TYR C 171 -4.58 -0.53 42.38
N SER C 172 -4.69 0.35 41.39
CA SER C 172 -5.35 1.64 41.60
C SER C 172 -6.15 2.04 40.37
N LEU C 173 -7.34 2.59 40.60
CA LEU C 173 -8.25 2.91 39.52
C LEU C 173 -8.68 4.35 39.63
N SER C 174 -8.81 5.00 38.48
CA SER C 174 -9.30 6.38 38.50
C SER C 174 -10.32 6.55 37.40
N SER C 175 -11.47 7.08 37.80
CA SER C 175 -12.56 7.32 36.88
C SER C 175 -12.74 8.80 36.67
N THR C 176 -13.23 9.14 35.48
CA THR C 176 -13.37 10.53 35.06
C THR C 176 -14.73 10.78 34.39
N LEU C 177 -15.65 11.38 35.16
CA LEU C 177 -16.93 11.90 34.66
C LEU C 177 -16.74 13.23 33.95
N THR C 178 -17.29 13.33 32.74
CA THR C 178 -17.10 14.49 31.88
C THR C 178 -18.44 15.12 31.50
N LEU C 179 -18.72 16.32 31.98
CA LEU C 179 -19.92 17.02 31.53
C LEU C 179 -19.60 18.47 31.19
N SER C 180 -20.51 19.16 30.51
CA SER C 180 -20.24 20.54 30.07
C SER C 180 -20.28 21.51 31.25
N LYS C 181 -19.77 22.73 31.04
CA LYS C 181 -19.78 23.77 32.07
C LYS C 181 -21.20 24.03 32.59
N ALA C 182 -22.10 24.41 31.68
CA ALA C 182 -23.52 24.61 31.98
C ALA C 182 -24.15 23.37 32.63
N ASP C 183 -23.95 22.19 32.05
CA ASP C 183 -24.37 20.95 32.69
C ASP C 183 -23.98 20.89 34.16
N TYR C 184 -22.69 21.15 34.44
CA TYR C 184 -22.11 21.11 35.80
C TYR C 184 -22.73 22.17 36.71
N GLU C 185 -22.80 23.40 36.20
CA GLU C 185 -23.35 24.52 36.97
C GLU C 185 -24.88 24.52 36.93
N LYS C 186 -25.47 23.33 36.93
CA LYS C 186 -26.91 23.16 37.08
C LYS C 186 -27.19 22.36 38.34
N HIS C 187 -26.26 21.49 38.70
CA HIS C 187 -26.49 20.52 39.75
C HIS C 187 -25.59 20.76 40.93
N LYS C 188 -26.10 20.44 42.12
CA LYS C 188 -25.39 20.66 43.37
C LYS C 188 -24.51 19.46 43.76
N VAL C 189 -25.12 18.27 43.90
CA VAL C 189 -24.45 17.09 44.42
C VAL C 189 -23.77 16.27 43.33
N TYR C 190 -22.55 15.80 43.63
CA TYR C 190 -21.75 14.92 42.75
C TYR C 190 -21.10 13.83 43.60
N ALA C 191 -21.55 12.61 43.40
CA ALA C 191 -21.22 11.51 44.27
C ALA C 191 -20.52 10.42 43.50
N CYS C 192 -19.56 9.75 44.14
CA CYS C 192 -18.93 8.59 43.57
C CYS C 192 -19.11 7.41 44.52
N GLU C 193 -19.91 6.43 44.10
CA GLU C 193 -20.18 5.23 44.88
C GLU C 193 -19.40 4.05 44.30
N VAL C 194 -18.80 3.27 45.20
CA VAL C 194 -17.76 2.29 44.86
C VAL C 194 -18.06 0.92 45.45
N THR C 195 -18.04 -0.12 44.63
CA THR C 195 -18.18 -1.50 45.13
C THR C 195 -16.94 -2.34 44.87
N HIS C 196 -16.48 -3.03 45.93
CA HIS C 196 -15.34 -3.95 45.88
C HIS C 196 -15.40 -4.94 47.06
N GLN C 197 -14.93 -6.18 46.85
CA GLN C 197 -14.94 -7.27 47.84
C GLN C 197 -14.73 -6.92 49.32
N GLY C 198 -13.64 -6.20 49.62
CA GLY C 198 -13.26 -5.83 50.98
C GLY C 198 -14.04 -4.63 51.50
N LEU C 199 -15.15 -4.32 50.84
CA LEU C 199 -16.15 -3.38 51.33
C LEU C 199 -17.51 -4.08 51.39
N SER C 200 -17.97 -4.35 52.61
CA SER C 200 -19.28 -4.97 52.83
C SER C 200 -20.43 -3.99 52.50
N SER C 201 -20.12 -2.70 52.47
CA SER C 201 -21.05 -1.69 51.97
C SER C 201 -20.40 -0.75 50.93
N PRO C 202 -21.06 -0.57 49.78
CA PRO C 202 -20.73 0.49 48.83
C PRO C 202 -20.32 1.79 49.53
N VAL C 203 -19.19 2.35 49.14
CA VAL C 203 -18.77 3.64 49.71
C VAL C 203 -19.09 4.76 48.72
N THR C 204 -19.64 5.85 49.24
CA THR C 204 -19.92 7.01 48.44
C THR C 204 -19.00 8.15 48.89
N LYS C 205 -18.48 8.91 47.93
CA LYS C 205 -17.78 10.14 48.25
C LYS C 205 -18.38 11.23 47.37
N SER C 206 -18.70 12.37 47.97
CA SER C 206 -19.47 13.37 47.27
C SER C 206 -19.11 14.78 47.69
N PHE C 207 -19.78 15.76 47.11
CA PHE C 207 -19.51 17.16 47.36
C PHE C 207 -20.59 18.05 46.76
N ASN C 208 -20.95 19.12 47.44
CA ASN C 208 -21.82 20.15 46.88
C ASN C 208 -21.01 21.08 46.00
N ARG C 209 -21.66 21.72 45.04
CA ARG C 209 -20.98 22.51 44.01
C ARG C 209 -20.35 23.80 44.53
N GLY C 210 -21.12 24.58 45.28
CA GLY C 210 -20.67 25.86 45.82
C GLY C 210 -20.34 25.85 47.31
N GLU C 211 -20.78 24.80 48.01
CA GLU C 211 -20.54 24.65 49.45
C GLU C 211 -19.22 23.93 49.75
N CYS C 212 -18.82 23.95 51.01
CA CYS C 212 -17.60 23.27 51.45
C CYS C 212 -17.92 22.10 52.38
N PCA D 1 29.33 0.56 29.85
CA PCA D 1 28.13 -0.27 29.73
CB PCA D 1 27.08 0.21 30.75
CG PCA D 1 27.85 1.04 31.76
CD PCA D 1 29.26 0.89 31.27
OE PCA D 1 30.24 1.04 32.00
C PCA D 1 27.53 -0.24 28.34
O PCA D 1 27.49 0.83 27.71
N VAL D 2 27.08 -1.40 27.86
CA VAL D 2 26.48 -1.49 26.54
C VAL D 2 25.10 -0.82 26.60
N GLN D 3 24.93 0.27 25.87
CA GLN D 3 23.65 1.01 25.90
C GLN D 3 23.08 1.27 24.50
N LEU D 4 21.76 1.37 24.44
CA LEU D 4 21.09 1.73 23.22
C LEU D 4 20.16 2.91 23.51
N GLN D 5 20.45 4.06 22.92
CA GLN D 5 19.72 5.31 23.15
C GLN D 5 18.90 5.68 21.92
N GLN D 6 17.57 5.77 22.07
CA GLN D 6 16.70 5.94 20.89
C GLN D 6 16.18 7.36 20.64
N SER D 7 15.82 7.63 19.38
CA SER D 7 14.99 8.76 18.95
C SER D 7 13.69 8.91 19.79
N GLY D 8 13.16 10.12 19.90
CA GLY D 8 11.94 10.39 20.69
C GLY D 8 10.66 9.92 20.02
N PRO D 9 9.50 10.27 20.60
CA PRO D 9 8.22 9.83 20.03
C PRO D 9 7.90 10.55 18.71
N GLU D 10 7.22 9.86 17.81
CA GLU D 10 7.02 10.38 16.48
C GLU D 10 5.57 10.29 16.03
N LEU D 11 5.03 11.43 15.60
CA LEU D 11 3.71 11.50 14.99
C LEU D 11 3.84 11.65 13.48
N MET D 12 3.39 10.64 12.75
CA MET D 12 3.41 10.67 11.29
C MET D 12 1.99 10.62 10.72
N LYS D 13 1.84 11.20 9.54
CA LYS D 13 0.60 11.07 8.78
C LYS D 13 0.58 9.69 8.10
N PRO D 14 -0.62 9.13 7.83
CA PRO D 14 -0.71 7.84 7.13
C PRO D 14 -0.14 7.90 5.71
N GLY D 15 0.56 6.82 5.33
CA GLY D 15 1.20 6.75 4.02
C GLY D 15 2.68 7.11 4.05
N ALA D 16 3.06 8.04 4.93
CA ALA D 16 4.44 8.57 4.99
C ALA D 16 5.51 7.57 5.53
N SER D 17 6.69 8.10 5.88
CA SER D 17 7.77 7.27 6.45
C SER D 17 8.60 7.96 7.55
N VAL D 18 9.01 7.16 8.53
CA VAL D 18 9.69 7.64 9.72
C VAL D 18 11.03 6.90 9.89
N LYS D 19 12.07 7.64 10.28
CA LYS D 19 13.43 7.10 10.43
C LYS D 19 13.98 7.25 11.88
N ILE D 20 13.88 6.15 12.64
CA ILE D 20 14.17 6.08 14.07
C ILE D 20 15.63 5.72 14.33
N SER D 21 16.30 6.53 15.16
CA SER D 21 17.70 6.31 15.55
C SER D 21 17.87 5.40 16.78
N CYS D 22 19.08 4.85 16.93
CA CYS D 22 19.49 4.00 18.05
C CYS D 22 21.01 4.09 18.21
N LYS D 23 21.45 4.94 19.13
CA LYS D 23 22.88 5.17 19.35
C LYS D 23 23.52 4.19 20.36
N ALA D 24 24.42 3.34 19.84
CA ALA D 24 25.06 2.25 20.60
C ALA D 24 26.49 2.56 21.05
N THR D 25 26.65 2.71 22.36
CA THR D 25 27.94 2.96 22.97
C THR D 25 28.41 1.70 23.71
N GLY D 26 29.63 1.77 24.26
CA GLY D 26 30.14 0.76 25.19
C GLY D 26 30.51 -0.58 24.60
N TYR D 27 30.71 -0.64 23.28
CA TYR D 27 31.22 -1.85 22.61
C TYR D 27 31.65 -1.56 21.16
N THR D 28 32.34 -2.51 20.53
CA THR D 28 32.74 -2.37 19.13
C THR D 28 31.47 -2.47 18.34
N PHE D 29 30.99 -1.32 17.87
CA PHE D 29 29.76 -1.21 17.11
C PHE D 29 29.63 -2.37 16.12
N SER D 30 30.54 -2.42 15.15
CA SER D 30 30.44 -3.31 13.99
C SER D 30 30.59 -4.82 14.26
N THR D 31 30.82 -5.23 15.50
CA THR D 31 30.97 -6.67 15.80
C THR D 31 29.65 -7.35 16.20
N SER D 32 28.59 -6.56 16.33
CA SER D 32 27.30 -7.08 16.76
C SER D 32 26.13 -6.51 15.95
N TRP D 33 25.26 -7.44 15.53
CA TRP D 33 24.01 -7.13 14.86
C TRP D 33 23.11 -6.23 15.70
N ILE D 34 22.32 -5.39 15.03
CA ILE D 34 21.25 -4.63 15.69
C ILE D 34 19.89 -5.17 15.26
N GLU D 35 19.08 -5.56 16.26
CA GLU D 35 17.74 -6.07 16.07
C GLU D 35 16.68 -4.98 16.23
N TRP D 36 15.50 -5.22 15.66
CA TRP D 36 14.38 -4.29 15.82
C TRP D 36 13.10 -5.04 16.15
N ILE D 37 12.48 -4.65 17.26
CA ILE D 37 11.28 -5.27 17.75
C ILE D 37 10.15 -4.24 17.87
N LYS D 38 9.03 -4.53 17.21
CA LYS D 38 7.78 -3.76 17.28
C LYS D 38 6.89 -4.29 18.41
N GLN D 39 6.35 -3.39 19.22
CA GLN D 39 5.42 -3.79 20.28
C GLN D 39 4.10 -2.99 20.29
N ARG D 40 3.04 -3.63 19.75
CA ARG D 40 1.69 -3.10 19.86
C ARG D 40 1.12 -3.56 21.20
N PRO D 41 0.09 -2.85 21.71
CA PRO D 41 -0.64 -3.37 22.87
C PRO D 41 -1.27 -4.74 22.57
N GLY D 42 -1.15 -5.67 23.51
CA GLY D 42 -1.78 -7.00 23.40
C GLY D 42 -1.17 -7.94 22.37
N HIS D 43 -0.62 -7.37 21.30
CA HIS D 43 0.09 -8.13 20.27
C HIS D 43 1.55 -8.47 20.64
N GLY D 44 1.82 -8.53 21.95
CA GLY D 44 3.12 -8.95 22.48
C GLY D 44 4.31 -8.33 21.77
N LEU D 45 5.25 -9.18 21.33
CA LEU D 45 6.46 -8.74 20.66
C LEU D 45 6.60 -9.41 19.31
N GLU D 46 6.77 -8.59 18.27
CA GLU D 46 7.09 -9.06 16.92
C GLU D 46 8.55 -8.69 16.60
N TRP D 47 9.10 -9.28 15.54
CA TRP D 47 10.46 -8.97 15.12
C TRP D 47 10.41 -8.28 13.76
N ILE D 48 10.75 -6.99 13.74
CA ILE D 48 10.86 -6.23 12.48
C ILE D 48 12.05 -6.70 11.61
N GLY D 49 13.28 -6.47 12.09
CA GLY D 49 14.48 -6.88 11.36
C GLY D 49 15.83 -6.55 11.97
N GLU D 50 16.89 -6.84 11.25
CA GLU D 50 18.23 -6.63 11.75
C GLU D 50 19.20 -6.05 10.73
N VAL D 51 20.24 -5.39 11.23
CA VAL D 51 21.32 -4.89 10.40
C VAL D 51 22.69 -5.15 11.06
N LEU D 52 23.68 -5.54 10.25
CA LEU D 52 25.07 -5.54 10.69
C LEU D 52 25.78 -4.26 10.25
N PRO D 53 26.15 -3.40 11.22
CA PRO D 53 26.89 -2.18 10.91
C PRO D 53 28.24 -2.50 10.28
N GLY D 54 28.52 -1.93 9.12
CA GLY D 54 29.84 -2.07 8.47
C GLY D 54 30.01 -3.22 7.49
N SER D 55 28.96 -4.01 7.34
CA SER D 55 28.89 -5.03 6.31
C SER D 55 27.59 -4.85 5.52
N GLY D 56 26.66 -4.09 6.08
CA GLY D 56 25.42 -3.75 5.38
C GLY D 56 24.49 -4.91 5.10
N LYS D 57 24.80 -6.07 5.69
CA LYS D 57 23.90 -7.23 5.60
C LYS D 57 22.69 -6.94 6.47
N SER D 58 21.50 -7.10 5.90
CA SER D 58 20.25 -6.87 6.63
C SER D 58 19.26 -8.00 6.47
N ASN D 59 18.35 -8.14 7.44
CA ASN D 59 17.25 -9.10 7.34
C ASN D 59 15.89 -8.47 7.66
N HIS D 60 14.85 -8.97 7.00
CA HIS D 60 13.49 -8.46 7.13
C HIS D 60 12.58 -9.57 7.67
N ASN D 61 11.44 -9.16 8.23
CA ASN D 61 10.32 -10.06 8.41
C ASN D 61 9.44 -9.86 7.19
N ALA D 62 9.05 -10.96 6.54
CA ALA D 62 8.24 -10.89 5.32
C ALA D 62 7.08 -9.92 5.47
N ASN D 63 6.31 -10.08 6.55
CA ASN D 63 5.09 -9.29 6.82
C ASN D 63 5.19 -7.78 6.62
N PHE D 64 6.41 -7.24 6.66
CA PHE D 64 6.61 -5.81 6.44
C PHE D 64 6.82 -5.49 4.96
N LYS D 65 7.21 -6.50 4.19
CA LYS D 65 7.19 -6.44 2.72
C LYS D 65 7.79 -5.16 2.15
N GLY D 66 9.10 -5.00 2.31
CA GLY D 66 9.86 -3.95 1.63
C GLY D 66 9.90 -2.57 2.29
N ARG D 67 8.92 -2.32 3.17
CA ARG D 67 8.74 -1.00 3.81
C ARG D 67 9.76 -0.81 4.95
N ALA D 68 10.08 -1.91 5.64
CA ALA D 68 11.10 -1.94 6.68
C ALA D 68 12.48 -1.88 6.04
N THR D 69 13.27 -0.88 6.42
CA THR D 69 14.61 -0.71 5.87
C THR D 69 15.60 -0.44 7.01
N PHE D 70 16.75 -1.11 6.97
CA PHE D 70 17.71 -1.03 8.07
C PHE D 70 19.11 -0.63 7.62
N THR D 71 19.63 0.46 8.18
CA THR D 71 20.99 0.92 7.87
C THR D 71 21.79 1.18 9.15
N ALA D 72 23.08 1.49 8.99
CA ALA D 72 23.96 1.76 10.12
C ALA D 72 25.11 2.68 9.75
N ASP D 73 25.22 3.78 10.48
CA ASP D 73 26.28 4.76 10.27
C ASP D 73 27.44 4.36 11.21
N THR D 74 28.26 3.43 10.73
CA THR D 74 29.28 2.75 11.56
C THR D 74 30.31 3.68 12.22
N ALA D 75 30.33 4.95 11.81
CA ALA D 75 31.34 5.90 12.26
C ALA D 75 30.84 6.86 13.36
N SER D 76 29.54 6.85 13.60
CA SER D 76 28.99 7.59 14.72
C SER D 76 28.18 6.65 15.61
N ASN D 77 28.39 5.34 15.39
CA ASN D 77 27.71 4.25 16.08
C ASN D 77 26.21 4.48 16.19
N THR D 78 25.52 4.42 15.06
CA THR D 78 24.10 4.66 15.05
C THR D 78 23.45 3.79 14.00
N ALA D 79 22.42 3.05 14.44
CA ALA D 79 21.60 2.24 13.56
C ALA D 79 20.30 2.99 13.31
N TYR D 80 19.54 2.53 12.32
CA TYR D 80 18.38 3.25 11.82
C TYR D 80 17.32 2.30 11.34
N MET D 81 16.07 2.72 11.41
CA MET D 81 15.00 1.94 10.80
C MET D 81 13.91 2.81 10.18
N GLN D 82 13.82 2.75 8.87
CA GLN D 82 12.82 3.50 8.16
C GLN D 82 11.62 2.59 7.92
N LEU D 83 10.42 3.12 8.13
CA LEU D 83 9.20 2.39 7.83
C LEU D 83 8.27 3.27 6.99
N SER D 84 8.10 2.89 5.72
CA SER D 84 7.32 3.67 4.74
C SER D 84 5.96 3.05 4.48
N SER D 85 5.08 3.80 3.80
CA SER D 85 3.69 3.39 3.59
C SER D 85 3.00 3.10 4.94
N LEU D 86 3.06 4.09 5.83
CA LEU D 86 2.59 3.96 7.22
C LEU D 86 1.06 3.89 7.38
N THR D 87 0.57 2.82 8.02
CA THR D 87 -0.84 2.75 8.41
C THR D 87 -0.98 2.84 9.93
N SER D 88 -2.21 2.67 10.43
CA SER D 88 -2.47 2.78 11.86
C SER D 88 -1.94 1.55 12.59
N GLU D 89 -1.79 0.47 11.84
CA GLU D 89 -1.31 -0.81 12.37
C GLU D 89 0.16 -0.71 12.76
N ASP D 90 0.82 0.34 12.31
CA ASP D 90 2.23 0.61 12.65
C ASP D 90 2.38 1.32 13.98
N SER D 91 1.27 1.86 14.52
CA SER D 91 1.30 2.50 15.81
C SER D 91 1.75 1.46 16.83
N ALA D 92 2.98 1.64 17.32
CA ALA D 92 3.58 0.73 18.31
C ALA D 92 4.80 1.37 18.95
N VAL D 93 5.28 0.74 20.03
CA VAL D 93 6.56 1.09 20.61
C VAL D 93 7.62 0.34 19.80
N TYR D 94 8.60 1.09 19.30
CA TYR D 94 9.64 0.47 18.50
C TYR D 94 10.93 0.33 19.30
N TYR D 95 11.46 -0.88 19.36
CA TYR D 95 12.62 -1.23 20.19
C TYR D 95 13.81 -1.65 19.36
N CYS D 96 15.00 -1.14 19.68
CA CYS D 96 16.24 -1.74 19.19
C CYS D 96 16.88 -2.58 20.27
N ALA D 97 17.55 -3.64 19.86
CA ALA D 97 18.29 -4.47 20.79
C ALA D 97 19.57 -4.96 20.15
N ARG D 98 20.60 -5.13 20.97
CA ARG D 98 21.82 -5.86 20.59
C ARG D 98 21.85 -7.19 21.35
N GLU D 99 22.30 -8.24 20.67
CA GLU D 99 22.33 -9.59 21.26
C GLU D 99 23.47 -9.75 22.29
N GLY D 100 23.65 -10.96 22.82
CA GLY D 100 24.78 -11.25 23.70
C GLY D 100 26.00 -11.72 22.92
N SER D 101 27.17 -11.70 23.57
CA SER D 101 28.44 -12.02 22.90
C SER D 101 28.51 -13.44 22.29
N ASN D 102 28.03 -14.43 23.03
CA ASN D 102 28.17 -15.83 22.63
C ASN D 102 26.84 -16.56 22.59
N ASN D 103 25.76 -15.79 22.52
CA ASN D 103 24.42 -16.37 22.33
C ASN D 103 23.43 -15.34 21.80
N ASN D 104 22.41 -15.85 21.10
CA ASN D 104 21.60 -15.00 20.23
C ASN D 104 20.34 -14.51 20.92
N ALA D 105 20.35 -14.56 22.26
CA ALA D 105 19.33 -13.88 23.06
C ALA D 105 19.58 -12.39 23.08
N LEU D 106 18.50 -11.61 23.10
CA LEU D 106 18.58 -10.15 23.05
C LEU D 106 18.99 -9.59 24.42
N ALA D 107 20.30 -9.51 24.63
CA ALA D 107 20.83 -9.06 25.93
C ALA D 107 20.46 -7.62 26.31
N TYR D 108 20.75 -6.64 25.43
CA TYR D 108 20.53 -5.22 25.74
C TYR D 108 19.45 -4.59 24.88
N TRP D 109 18.63 -3.72 25.49
CA TRP D 109 17.44 -3.10 24.86
C TRP D 109 17.33 -1.57 25.03
N GLY D 110 17.22 -0.84 23.93
CA GLY D 110 16.91 0.60 23.99
C GLY D 110 15.60 0.91 24.71
N GLN D 111 15.38 2.18 25.02
CA GLN D 111 14.25 2.57 25.86
C GLN D 111 12.90 2.54 25.14
N GLY D 112 12.91 2.49 23.80
CA GLY D 112 11.67 2.43 23.04
C GLY D 112 11.24 3.79 22.48
N THR D 113 10.79 3.77 21.22
CA THR D 113 10.33 4.96 20.54
C THR D 113 8.91 4.71 20.15
N LEU D 114 7.97 5.41 20.77
CA LEU D 114 6.54 5.27 20.46
C LEU D 114 6.22 6.00 19.17
N VAL D 115 5.47 5.34 18.29
CA VAL D 115 5.08 5.94 17.01
C VAL D 115 3.57 5.97 16.85
N THR D 116 3.01 7.15 16.61
CA THR D 116 1.59 7.27 16.36
C THR D 116 1.35 7.68 14.90
N VAL D 117 0.62 6.83 14.19
CA VAL D 117 0.23 7.10 12.81
C VAL D 117 -1.25 7.50 12.81
N SER D 118 -1.51 8.75 12.43
CA SER D 118 -2.86 9.31 12.45
C SER D 118 -2.93 10.65 11.72
N ALA D 119 -4.09 10.92 11.13
CA ALA D 119 -4.34 12.15 10.39
C ALA D 119 -4.31 13.37 11.29
N ALA D 120 -4.50 13.12 12.59
CA ALA D 120 -4.75 14.18 13.59
C ALA D 120 -3.53 15.02 13.96
N SER D 121 -3.83 16.22 14.46
CA SER D 121 -2.87 17.26 14.85
C SER D 121 -2.20 17.04 16.18
N THR D 122 -0.90 17.28 16.23
CA THR D 122 -0.16 17.37 17.48
C THR D 122 -0.76 18.46 18.34
N LYS D 123 -1.34 18.07 19.48
CA LYS D 123 -1.99 19.01 20.38
C LYS D 123 -1.45 18.88 21.79
N GLY D 124 -1.07 20.02 22.38
CA GLY D 124 -0.59 20.07 23.77
C GLY D 124 -1.64 19.72 24.81
N PRO D 125 -1.20 19.34 26.03
CA PRO D 125 -2.15 18.95 27.07
C PRO D 125 -2.61 20.16 27.87
N SER D 126 -3.63 19.96 28.72
CA SER D 126 -4.03 20.97 29.68
C SER D 126 -3.97 20.31 31.04
N VAL D 127 -3.37 21.02 32.00
CA VAL D 127 -3.05 20.45 33.30
C VAL D 127 -3.90 21.12 34.37
N PHE D 128 -4.69 20.31 35.08
CA PHE D 128 -5.60 20.85 36.10
C PHE D 128 -5.39 20.18 37.46
N PRO D 129 -5.37 20.99 38.54
CA PRO D 129 -5.10 20.41 39.86
C PRO D 129 -6.24 19.54 40.37
N LEU D 130 -5.89 18.40 40.96
CA LEU D 130 -6.84 17.62 41.69
C LEU D 130 -6.53 17.92 43.15
N ALA D 131 -7.03 19.09 43.58
CA ALA D 131 -6.83 19.61 44.92
C ALA D 131 -7.12 18.57 46.02
N PRO D 132 -6.40 18.67 47.17
CA PRO D 132 -6.77 17.96 48.40
C PRO D 132 -8.02 18.59 49.04
N SER D 133 -8.75 17.81 49.84
CA SER D 133 -10.01 18.26 50.46
C SER D 133 -9.80 19.41 51.47
N GLY D 140 -5.33 10.88 58.72
CA GLY D 140 -3.96 10.53 58.39
C GLY D 140 -3.54 10.94 56.99
N THR D 141 -3.94 10.14 56.01
CA THR D 141 -3.45 10.23 54.63
C THR D 141 -4.37 11.04 53.68
N ALA D 142 -3.75 11.84 52.79
CA ALA D 142 -4.48 12.71 51.85
C ALA D 142 -4.08 12.44 50.39
N ALA D 143 -5.04 12.64 49.49
CA ALA D 143 -4.77 12.48 48.07
C ALA D 143 -4.81 13.82 47.40
N LEU D 144 -3.85 14.03 46.50
CA LEU D 144 -3.91 15.09 45.51
C LEU D 144 -3.40 14.49 44.21
N GLY D 145 -3.59 15.21 43.10
CA GLY D 145 -3.19 14.72 41.78
C GLY D 145 -3.07 15.83 40.74
N CYS D 146 -2.81 15.43 39.49
CA CYS D 146 -2.90 16.32 38.33
C CYS D 146 -3.79 15.70 37.26
N LEU D 147 -4.47 16.53 36.48
CA LEU D 147 -5.23 16.03 35.35
C LEU D 147 -4.69 16.58 34.04
N VAL D 148 -4.18 15.67 33.22
CA VAL D 148 -3.54 16.03 31.99
C VAL D 148 -4.57 15.77 30.89
N LYS D 149 -5.04 16.84 30.27
CA LYS D 149 -6.22 16.76 29.46
C LYS D 149 -6.01 17.19 28.03
N ASP D 150 -6.59 16.43 27.11
CA ASP D 150 -6.76 16.83 25.71
C ASP D 150 -5.45 17.03 24.95
N TYR D 151 -4.59 16.03 24.98
CA TYR D 151 -3.29 16.10 24.29
C TYR D 151 -3.17 15.04 23.20
N PHE D 152 -2.29 15.27 22.24
CA PHE D 152 -2.06 14.28 21.19
C PHE D 152 -0.70 14.44 20.51
N PRO D 153 0.00 13.30 20.25
CA PRO D 153 -0.38 11.95 20.67
C PRO D 153 0.22 11.60 22.03
N GLU D 154 0.09 10.34 22.45
CA GLU D 154 0.94 9.78 23.48
C GLU D 154 2.44 9.92 23.07
N PRO D 155 3.35 9.94 24.04
CA PRO D 155 3.24 9.85 25.48
C PRO D 155 3.36 11.20 26.20
N VAL D 156 3.08 11.19 27.52
CA VAL D 156 3.45 12.27 28.43
C VAL D 156 4.22 11.66 29.59
N THR D 157 5.12 12.42 30.20
CA THR D 157 5.76 11.98 31.44
C THR D 157 5.31 12.89 32.57
N VAL D 158 5.19 12.31 33.76
CA VAL D 158 4.72 13.05 34.90
C VAL D 158 5.56 12.63 36.09
N SER D 159 6.17 13.62 36.73
CA SER D 159 6.90 13.39 37.97
C SER D 159 6.35 14.36 39.00
N TRP D 160 6.53 14.02 40.26
CA TRP D 160 6.05 14.85 41.33
C TRP D 160 7.23 15.49 42.04
N ASN D 161 7.29 16.82 41.96
CA ASN D 161 8.39 17.58 42.56
C ASN D 161 9.76 17.12 42.04
N SER D 162 9.92 17.17 40.72
CA SER D 162 11.20 16.92 40.04
C SER D 162 11.81 15.52 40.26
N GLY D 163 11.04 14.62 40.86
CA GLY D 163 11.53 13.26 41.09
C GLY D 163 11.70 13.04 42.57
N ALA D 164 11.57 14.13 43.31
CA ALA D 164 11.56 14.12 44.78
C ALA D 164 10.44 13.26 45.39
N LEU D 165 9.26 13.30 44.80
CA LEU D 165 8.15 12.52 45.30
C LEU D 165 7.99 11.28 44.45
N THR D 166 8.16 10.11 45.05
CA THR D 166 8.04 8.86 44.31
C THR D 166 7.20 7.86 45.10
N SER D 167 7.11 8.12 46.41
CA SER D 167 6.32 7.30 47.31
C SER D 167 4.81 7.58 47.14
N GLY D 168 4.06 6.53 46.77
CA GLY D 168 2.61 6.63 46.60
C GLY D 168 2.12 7.42 45.39
N VAL D 169 3.00 7.61 44.40
CA VAL D 169 2.61 8.19 43.11
C VAL D 169 1.96 7.11 42.25
N HIS D 170 0.72 7.35 41.82
CA HIS D 170 0.13 6.53 40.79
C HIS D 170 -0.08 7.41 39.58
N THR D 171 0.31 6.89 38.44
CA THR D 171 0.13 7.59 37.19
C THR D 171 -0.52 6.60 36.29
N PHE D 172 -1.67 6.98 35.76
CA PHE D 172 -2.56 6.01 35.15
C PHE D 172 -2.34 5.90 33.67
N PRO D 173 -2.70 4.73 33.09
CA PRO D 173 -2.88 4.68 31.63
C PRO D 173 -3.78 5.83 31.18
N ALA D 174 -3.44 6.45 30.07
CA ALA D 174 -4.27 7.53 29.55
C ALA D 174 -5.46 6.87 28.89
N VAL D 175 -6.57 7.59 28.82
CA VAL D 175 -7.76 7.10 28.13
C VAL D 175 -7.99 7.91 26.87
N LEU D 176 -8.48 7.25 25.83
CA LEU D 176 -8.82 7.92 24.57
C LEU D 176 -10.22 8.54 24.66
N GLN D 177 -10.30 9.86 24.54
CA GLN D 177 -11.60 10.51 24.68
C GLN D 177 -12.40 10.48 23.36
N SER D 178 -13.67 10.88 23.43
CA SER D 178 -14.51 11.01 22.24
C SER D 178 -13.90 11.98 21.23
N SER D 179 -13.49 13.15 21.71
CA SER D 179 -12.89 14.20 20.89
C SER D 179 -11.72 13.73 20.02
N GLY D 180 -11.25 12.51 20.28
CA GLY D 180 -10.09 11.97 19.57
C GLY D 180 -8.78 12.46 20.17
N LEU D 181 -8.83 12.87 21.43
CA LEU D 181 -7.67 13.31 22.19
C LEU D 181 -7.54 12.49 23.47
N TYR D 182 -6.29 12.36 23.94
CA TYR D 182 -5.97 11.59 25.13
C TYR D 182 -6.09 12.40 26.41
N SER D 183 -6.27 11.69 27.53
CA SER D 183 -6.20 12.25 28.89
C SER D 183 -5.71 11.23 29.90
N LEU D 184 -4.82 11.68 30.80
CA LEU D 184 -4.36 10.90 31.97
C LEU D 184 -4.39 11.71 33.24
N SER D 185 -4.41 11.00 34.36
CA SER D 185 -4.36 11.61 35.66
C SER D 185 -3.27 10.95 36.50
N SER D 186 -2.47 11.79 37.17
CA SER D 186 -1.48 11.34 38.14
C SER D 186 -1.94 11.71 39.54
N VAL D 187 -1.79 10.79 40.48
CA VAL D 187 -2.13 11.06 41.88
C VAL D 187 -1.05 10.54 42.84
N VAL D 188 -1.07 11.09 44.06
CA VAL D 188 -0.15 10.68 45.09
C VAL D 188 -0.80 10.91 46.44
N THR D 189 -0.57 9.98 47.37
CA THR D 189 -1.11 10.06 48.73
C THR D 189 -0.04 10.46 49.77
N VAL D 190 -0.23 11.63 50.37
CA VAL D 190 0.71 12.22 51.30
C VAL D 190 0.09 12.36 52.70
N PRO D 191 0.92 12.39 53.78
CA PRO D 191 0.38 12.71 55.11
C PRO D 191 -0.39 14.03 55.08
N SER D 192 -1.57 14.03 55.72
CA SER D 192 -2.45 15.20 55.69
C SER D 192 -2.03 16.35 56.63
N SER D 193 -1.07 16.06 57.50
CA SER D 193 -0.42 17.11 58.31
C SER D 193 0.45 17.99 57.41
N SER D 194 1.10 17.34 56.43
CA SER D 194 2.03 18.01 55.52
C SER D 194 1.38 19.00 54.55
N LEU D 195 0.07 18.87 54.33
CA LEU D 195 -0.64 19.72 53.37
C LEU D 195 -0.55 21.21 53.73
N GLY D 196 -0.56 21.50 55.03
CA GLY D 196 -0.44 22.87 55.52
C GLY D 196 0.86 23.57 55.15
N THR D 197 1.94 22.78 55.03
CA THR D 197 3.26 23.33 54.66
C THR D 197 3.73 22.85 53.29
N GLN D 198 4.14 21.59 53.21
CA GLN D 198 4.79 21.02 52.03
C GLN D 198 4.07 21.31 50.70
N THR D 199 4.85 21.71 49.69
CA THR D 199 4.36 22.08 48.36
C THR D 199 4.48 20.90 47.41
N TYR D 200 3.49 20.75 46.53
CA TYR D 200 3.49 19.63 45.58
C TYR D 200 3.21 20.15 44.19
N ILE D 201 4.27 20.23 43.39
CA ILE D 201 4.19 20.60 42.01
C ILE D 201 4.22 19.29 41.22
N CYS D 202 3.40 19.21 40.17
CA CYS D 202 3.53 18.11 39.23
C CYS D 202 4.19 18.62 37.95
N ASN D 203 5.11 17.83 37.41
CA ASN D 203 5.84 18.19 36.22
C ASN D 203 5.35 17.36 35.06
N VAL D 204 4.40 17.90 34.31
CA VAL D 204 3.89 17.25 33.11
C VAL D 204 4.73 17.70 31.95
N ASN D 205 5.01 16.79 31.03
CA ASN D 205 5.84 17.06 29.87
C ASN D 205 5.32 16.23 28.70
N HIS D 206 5.32 16.81 27.51
CA HIS D 206 4.75 16.19 26.30
C HIS D 206 5.56 16.53 25.03
N LYS D 207 6.60 15.75 24.74
CA LYS D 207 7.56 16.12 23.71
C LYS D 207 7.03 16.37 22.27
N PRO D 208 5.99 15.62 21.82
CA PRO D 208 5.39 15.94 20.50
C PRO D 208 4.98 17.41 20.28
N SER D 209 4.42 18.06 21.30
CA SER D 209 4.08 19.48 21.19
C SER D 209 5.05 20.41 21.96
N ASN D 210 6.20 19.88 22.37
CA ASN D 210 7.20 20.64 23.10
C ASN D 210 6.65 21.37 24.34
N THR D 211 5.65 20.77 24.98
CA THR D 211 4.99 21.34 26.15
C THR D 211 5.64 20.84 27.43
N LYS D 212 5.84 21.76 28.37
CA LYS D 212 6.48 21.45 29.64
C LYS D 212 5.73 22.28 30.66
N VAL D 213 5.11 21.62 31.64
CA VAL D 213 4.27 22.32 32.62
C VAL D 213 4.66 21.95 34.04
N ASP D 214 4.47 22.89 34.97
CA ASP D 214 4.68 22.63 36.40
C ASP D 214 3.55 23.27 37.20
N LYS D 215 2.49 22.51 37.47
CA LYS D 215 1.34 23.05 38.22
C LYS D 215 1.41 22.70 39.71
N LYS D 216 1.18 23.70 40.56
CA LYS D 216 1.03 23.48 42.02
C LYS D 216 -0.35 22.95 42.32
N VAL D 217 -0.43 21.93 43.16
CA VAL D 217 -1.72 21.40 43.59
C VAL D 217 -1.94 21.73 45.06
N GLU D 218 -2.71 22.79 45.29
CA GLU D 218 -2.89 23.38 46.62
C GLU D 218 -4.24 22.98 47.19
N PRO D 219 -4.34 22.93 48.53
CA PRO D 219 -5.65 22.78 49.19
C PRO D 219 -6.67 23.78 48.65
N LYS D 220 -7.93 23.33 48.53
CA LYS D 220 -9.02 24.12 47.93
C LYS D 220 -9.23 25.48 48.62
N SER D 221 -9.89 26.41 47.92
CA SER D 221 -10.14 27.77 48.43
C SER D 221 -10.94 27.93 49.74
N CYS D 222 -12.26 27.79 49.66
CA CYS D 222 -13.20 28.00 50.78
C CYS D 222 -13.02 29.31 51.56
N HIS D 223 -13.44 30.41 50.93
CA HIS D 223 -13.62 31.70 51.59
C HIS D 223 -14.93 31.71 52.39
N HIS D 224 -15.35 30.53 52.85
CA HIS D 224 -16.66 30.37 53.47
C HIS D 224 -16.54 29.94 54.93
N HIS D 225 -15.35 29.46 55.30
CA HIS D 225 -15.18 28.80 56.59
C HIS D 225 -14.26 29.59 57.49
N HIS D 226 -13.24 28.83 57.87
CA HIS D 226 -12.29 29.40 58.90
C HIS D 226 -10.99 28.60 59.01
N HIS D 227 -9.90 29.26 58.65
CA HIS D 227 -8.55 28.67 58.73
C HIS D 227 -8.39 27.51 59.75
#